data_9EYV
#
_entry.id   9EYV
#
_cell.length_a   101.249
_cell.length_b   138.648
_cell.length_c   177.727
_cell.angle_alpha   90.00
_cell.angle_beta   90.00
_cell.angle_gamma   90.00
#
_symmetry.space_group_name_H-M   'I 2 2 2'
#
loop_
_entity.id
_entity.type
_entity.pdbx_description
1 polymer 'Protein arginine N-methyltransferase 5, N-terminally processed'
2 polymer 'Methylosome protein WDR77'
3 non-polymer (1~{S})-~{N}-[(4-fluorophenyl)methyl]-3-oxidanylidene-2-(1~{H}-pyrrolo[3,2-b]pyridin-2-ylmethyl)-1~{H}-isoindole-1-carboxamide
4 non-polymer "5'-DEOXY-5'-METHYLTHIOADENOSINE"
5 non-polymer 'SULFATE ION'
6 water water
#
loop_
_entity_poly.entity_id
_entity_poly.type
_entity_poly.pdbx_seq_one_letter_code
_entity_poly.pdbx_strand_id
1 'polypeptide(L)'
;MAAMAVGGAGGSRVSSGRDLNCVPEIADTLGAVAKQGFDFLCMPVFHPRFKREFIQEPAKNRPGPQTRSDLLLSGRDWNT
LIVGKLSPWIRPDSKVEKIRRNSEAAMLQELNFGAYLGLPAFLLPLNQEDNTNLARVLTNHIHTGHHSSMFWMRVPLVAP
EDLRDDIIENAPTTHTEEYSGEEKTWMWWHNFRTLCDYSKRIAVALEIGADLPSNHVIDRWLGEPIKAAILPTSIFLTNK
KGFPVLSKMHQRLIFRLLKLEVQFIITGTNHHSEKEFCSYLQYLEYLSQNRPPPNAYELFAKGYEDYLQSPLQPLMDNLE
SQTYEVFEKDPIKYSQYQQAIYKCLLDRVPEEEKDTNVQVLMVLGAGRGPLVNASLRAAKQADRRIKLYAVEKNPNAVVT
LENWQFEEWGSQVTVVSSDMREWVAPEKADIIVSELLGSFADNELSPECLDGAQHFLKDDGVSIPGEYTSFLAPISSSKL
YNEVRACREKDRDPEAQFEMPYVVRLHNFHQLSAPQPCFTFSHPNRDPMIDNNRYCTLEFPVEVNTVLHGFAGYFETVLY
QDITLSIRPETHSPGMFSWFPILFPIKQPITVREGQTICVRFWRCSNSKKVWYEWAVTAPVCSAIHNPTGRSYTIGL
;
A
2 'polypeptide(L)'
;MRKETPPPLVPPAAREWNLPPNAPACMERQLEAARYRSDGALLLGASSLSGRCWAGSLWLFKDPCAAPNEGFCSAGVQTE
AGVADLTWVGERGILVASDSGAVELWELDENETLIVSKFCKYEHDDIVSTVSVLSSGTQAVSGSKDICIKVWDLAQQVVL
SSYRAHAAQVTCVAASPHKDSVFLSCSEDNRILLWDTRCPKPASQIGCSAPGYLPTSLAWHPQQSEVFVFGDENGTVSLV
DTKSTSCVLSSAVHSQCVTGLVFSPHSVPFLASLSEDCSLAVLDSSLSELFRSQAHRDFVRDATWSPLNHSLLTTVGWDH
QVVHHVVPTEPLPAPGPASVTE
;
B
#
# COMPACT_ATOMS: atom_id res chain seq x y z
N ARG A 13 -11.29 17.35 4.89
CA ARG A 13 -10.43 17.55 3.70
C ARG A 13 -9.73 16.25 3.32
N VAL A 14 -9.20 15.54 4.32
CA VAL A 14 -8.44 14.32 4.10
C VAL A 14 -9.33 13.12 4.44
N SER A 15 -9.24 12.07 3.59
CA SER A 15 -10.01 10.84 3.77
C SER A 15 -9.22 9.89 4.67
N SER A 16 -9.83 9.51 5.81
CA SER A 16 -9.13 8.76 6.85
C SER A 16 -9.96 7.56 7.32
N GLY A 17 -9.26 6.51 7.75
CA GLY A 17 -9.89 5.32 8.30
C GLY A 17 -9.20 4.91 9.60
N ARG A 18 -9.79 3.90 10.28
CA ARG A 18 -9.27 3.38 11.54
C ARG A 18 -9.06 1.89 11.41
N ASP A 19 -7.86 1.42 11.78
CA ASP A 19 -7.56 0.00 11.78
C ASP A 19 -7.69 -0.54 13.21
N LEU A 20 -8.53 -1.56 13.36
CA LEU A 20 -8.70 -2.27 14.62
C LEU A 20 -8.58 -3.76 14.36
N ASN A 21 -8.06 -4.49 15.35
CA ASN A 21 -8.01 -5.94 15.30
C ASN A 21 -8.81 -6.51 16.47
N CYS A 22 -9.66 -5.66 17.07
CA CYS A 22 -10.51 -6.06 18.18
C CYS A 22 -11.82 -5.30 18.11
N VAL A 23 -12.90 -6.02 17.77
CA VAL A 23 -14.23 -5.45 17.66
C VAL A 23 -15.20 -6.33 18.45
N PRO A 24 -15.53 -5.97 19.71
CA PRO A 24 -16.44 -6.78 20.53
C PRO A 24 -17.91 -6.60 20.14
N GLU A 25 -18.26 -5.40 19.67
CA GLU A 25 -19.61 -5.13 19.18
C GLU A 25 -19.49 -4.19 17.98
N ILE A 26 -19.91 -4.70 16.81
CA ILE A 26 -19.62 -4.05 15.53
C ILE A 26 -20.35 -2.72 15.42
N ALA A 27 -21.57 -2.65 15.97
CA ALA A 27 -22.37 -1.44 15.91
C ALA A 27 -21.77 -0.34 16.80
N ASP A 28 -21.36 -0.73 18.01
CA ASP A 28 -20.79 0.20 18.98
C ASP A 28 -19.44 0.71 18.49
N THR A 29 -18.64 -0.19 17.90
CA THR A 29 -17.29 0.13 17.46
C THR A 29 -17.34 1.22 16.39
N LEU A 30 -18.24 1.07 15.41
CA LEU A 30 -18.37 2.03 14.32
C LEU A 30 -18.71 3.41 14.88
N GLY A 31 -19.71 3.48 15.75
CA GLY A 31 -20.16 4.74 16.34
C GLY A 31 -19.00 5.53 16.93
N ALA A 32 -18.17 4.85 17.73
CA ALA A 32 -17.00 5.45 18.35
C ALA A 32 -16.04 5.98 17.27
N VAL A 33 -15.80 5.15 16.24
CA VAL A 33 -14.88 5.47 15.17
C VAL A 33 -15.41 6.67 14.38
N ALA A 34 -16.73 6.71 14.14
CA ALA A 34 -17.35 7.77 13.37
C ALA A 34 -17.32 9.09 14.15
N LYS A 35 -17.53 9.01 15.48
CA LYS A 35 -17.55 10.17 16.34
C LYS A 35 -16.19 10.87 16.36
N GLN A 36 -15.13 10.12 16.05
CA GLN A 36 -13.77 10.64 16.10
C GLN A 36 -13.35 11.23 14.75
N GLY A 37 -14.22 11.12 13.74
CA GLY A 37 -14.05 11.81 12.48
C GLY A 37 -13.58 10.90 11.34
N PHE A 38 -13.45 9.59 11.62
CA PHE A 38 -12.97 8.64 10.63
C PHE A 38 -14.07 8.36 9.62
N ASP A 39 -13.66 8.07 8.38
CA ASP A 39 -14.58 7.84 7.27
C ASP A 39 -14.94 6.36 7.17
N PHE A 40 -13.99 5.47 7.50
CA PHE A 40 -14.22 4.03 7.41
C PHE A 40 -13.46 3.30 8.52
N LEU A 41 -13.68 1.98 8.58
CA LEU A 41 -13.12 1.13 9.62
C LEU A 41 -12.55 -0.13 8.99
N CYS A 42 -11.24 -0.36 9.19
CA CYS A 42 -10.62 -1.62 8.82
C CYS A 42 -10.74 -2.59 10.00
N MET A 43 -11.37 -3.74 9.77
CA MET A 43 -11.66 -4.67 10.85
C MET A 43 -11.80 -6.10 10.33
N PRO A 44 -11.69 -7.13 11.19
CA PRO A 44 -11.87 -8.53 10.79
C PRO A 44 -13.30 -8.90 10.43
N VAL A 45 -13.43 -9.97 9.63
CA VAL A 45 -14.73 -10.55 9.28
C VAL A 45 -14.97 -11.78 10.15
N PHE A 46 -13.89 -12.52 10.45
CA PHE A 46 -13.92 -13.58 11.44
C PHE A 46 -13.01 -13.15 12.59
N HIS A 47 -13.24 -13.71 13.79
CA HIS A 47 -12.42 -13.37 14.94
C HIS A 47 -10.98 -13.75 14.66
N PRO A 48 -10.01 -12.82 14.81
CA PRO A 48 -8.60 -13.10 14.49
C PRO A 48 -8.03 -14.39 15.11
N ARG A 49 -8.53 -14.77 16.29
CA ARG A 49 -8.04 -15.94 17.01
C ARG A 49 -8.86 -17.19 16.70
N PHE A 50 -9.97 -17.04 15.95
CA PHE A 50 -10.86 -18.16 15.70
C PHE A 50 -10.28 -19.00 14.57
N LYS A 51 -9.34 -19.88 14.93
CA LYS A 51 -8.67 -20.77 13.98
C LYS A 51 -9.62 -21.92 13.66
N ARG A 52 -9.68 -22.30 12.37
CA ARG A 52 -10.68 -23.26 11.89
C ARG A 52 -9.99 -24.37 11.12
N GLU A 53 -10.52 -25.59 11.29
CA GLU A 53 -10.02 -26.79 10.64
C GLU A 53 -10.97 -27.15 9.49
N PHE A 54 -10.43 -27.71 8.40
CA PHE A 54 -11.23 -28.03 7.22
C PHE A 54 -11.00 -29.47 6.74
N ILE A 55 -10.05 -30.20 7.33
CA ILE A 55 -9.72 -31.54 6.85
C ILE A 55 -9.92 -32.56 7.97
N GLN A 56 -9.19 -32.39 9.08
CA GLN A 56 -9.12 -33.40 10.12
C GLN A 56 -10.34 -33.30 11.04
N GLU A 57 -10.90 -34.47 11.38
CA GLU A 57 -11.94 -34.59 12.38
C GLU A 57 -11.30 -34.64 13.76
N PRO A 58 -12.01 -34.26 14.85
CA PRO A 58 -13.39 -33.79 14.80
C PRO A 58 -13.59 -32.29 14.62
N ALA A 59 -12.48 -31.53 14.61
CA ALA A 59 -12.54 -30.08 14.68
C ALA A 59 -13.13 -29.46 13.40
N LYS A 60 -13.08 -30.21 12.28
CA LYS A 60 -13.64 -29.72 11.03
C LYS A 60 -15.16 -29.64 11.14
N ASN A 61 -15.75 -30.52 11.96
CA ASN A 61 -17.20 -30.56 12.17
C ASN A 61 -17.58 -29.72 13.38
N ARG A 62 -16.86 -28.61 13.61
CA ARG A 62 -17.17 -27.68 14.69
C ARG A 62 -18.54 -27.06 14.43
N PRO A 63 -19.50 -27.16 15.39
CA PRO A 63 -20.84 -26.58 15.20
C PRO A 63 -20.90 -25.08 15.45
N GLY A 64 -22.11 -24.53 15.32
CA GLY A 64 -22.37 -23.13 15.63
C GLY A 64 -22.04 -22.22 14.45
N PRO A 65 -22.36 -20.91 14.54
CA PRO A 65 -22.00 -19.96 13.49
C PRO A 65 -20.50 -19.69 13.44
N GLN A 66 -19.97 -19.48 12.22
CA GLN A 66 -18.55 -19.31 12.02
C GLN A 66 -18.14 -17.87 12.30
N THR A 67 -19.08 -16.92 12.19
CA THR A 67 -18.79 -15.52 12.47
C THR A 67 -20.09 -14.76 12.73
N ARG A 68 -19.97 -13.42 12.77
CA ARG A 68 -21.09 -12.52 12.98
C ARG A 68 -22.05 -12.56 11.80
N SER A 69 -23.27 -12.04 12.02
CA SER A 69 -24.28 -11.95 10.99
C SER A 69 -24.08 -10.68 10.17
N ASP A 70 -24.37 -10.79 8.87
CA ASP A 70 -24.32 -9.67 7.94
C ASP A 70 -25.42 -8.66 8.25
N LEU A 71 -26.42 -9.09 9.02
CA LEU A 71 -27.59 -8.27 9.34
C LEU A 71 -27.24 -7.18 10.36
N LEU A 72 -26.10 -7.31 11.05
CA LEU A 72 -25.75 -6.40 12.13
C LEU A 72 -25.46 -5.00 11.59
N LEU A 73 -25.14 -4.89 10.29
CA LEU A 73 -25.05 -3.60 9.63
C LEU A 73 -26.00 -3.57 8.43
N SER A 74 -26.24 -2.36 7.91
CA SER A 74 -26.98 -2.17 6.68
C SER A 74 -26.06 -2.48 5.50
N GLY A 75 -26.67 -2.86 4.37
CA GLY A 75 -25.93 -3.12 3.13
C GLY A 75 -25.00 -1.96 2.78
N ARG A 76 -25.51 -0.73 2.97
CA ARG A 76 -24.77 0.48 2.63
C ARG A 76 -23.56 0.64 3.54
N ASP A 77 -23.71 0.28 4.82
CA ASP A 77 -22.63 0.41 5.79
C ASP A 77 -21.47 -0.53 5.40
N TRP A 78 -21.80 -1.78 5.05
CA TRP A 78 -20.80 -2.73 4.59
C TRP A 78 -20.10 -2.20 3.34
N ASN A 79 -20.87 -1.56 2.45
CA ASN A 79 -20.40 -1.19 1.12
C ASN A 79 -19.44 0.00 1.17
N THR A 80 -19.57 0.87 2.19
CA THR A 80 -18.88 2.15 2.17
C THR A 80 -17.93 2.31 3.37
N LEU A 81 -18.23 1.68 4.51
CA LEU A 81 -17.59 2.04 5.76
C LEU A 81 -16.67 0.95 6.30
N ILE A 82 -16.75 -0.28 5.78
CA ILE A 82 -15.98 -1.38 6.32
C ILE A 82 -14.94 -1.85 5.32
N VAL A 83 -13.71 -2.04 5.79
CA VAL A 83 -12.64 -2.67 5.03
C VAL A 83 -12.28 -3.97 5.74
N GLY A 84 -12.30 -5.08 4.99
CA GLY A 84 -12.04 -6.40 5.56
C GLY A 84 -10.55 -6.60 5.84
N LYS A 85 -10.26 -7.60 6.68
CA LYS A 85 -8.89 -7.98 7.02
C LYS A 85 -8.79 -9.50 7.02
N LEU A 86 -7.74 -10.03 6.40
CA LEU A 86 -7.43 -11.45 6.48
C LEU A 86 -6.99 -11.76 7.90
N SER A 87 -7.39 -12.93 8.41
CA SER A 87 -7.05 -13.33 9.77
C SER A 87 -5.56 -13.60 9.88
N PRO A 88 -4.92 -13.30 11.04
CA PRO A 88 -3.46 -13.40 11.17
C PRO A 88 -2.92 -14.82 11.12
N TRP A 89 -3.76 -15.80 11.50
CA TRP A 89 -3.35 -17.20 11.57
C TRP A 89 -3.27 -17.81 10.16
N ILE A 90 -3.92 -17.18 9.18
CA ILE A 90 -3.95 -17.68 7.81
C ILE A 90 -2.59 -17.44 7.17
N ARG A 91 -1.86 -18.54 6.91
CA ARG A 91 -0.55 -18.51 6.30
C ARG A 91 -0.53 -19.47 5.12
N PRO A 92 -0.91 -19.02 3.89
CA PRO A 92 -0.97 -19.91 2.73
C PRO A 92 0.37 -20.45 2.24
N ASP A 93 1.47 -19.79 2.63
CA ASP A 93 2.81 -20.15 2.16
C ASP A 93 3.60 -20.85 3.26
N SER A 94 2.88 -21.50 4.19
CA SER A 94 3.52 -22.25 5.27
C SER A 94 4.26 -23.45 4.71
N LYS A 95 5.31 -23.87 5.43
CA LYS A 95 6.11 -25.02 5.05
C LYS A 95 5.37 -26.31 5.40
N VAL A 96 4.51 -26.24 6.41
CA VAL A 96 3.71 -27.38 6.85
C VAL A 96 2.52 -27.51 5.91
N GLU A 97 2.39 -28.69 5.29
CA GLU A 97 1.40 -28.94 4.25
C GLU A 97 -0.01 -28.77 4.80
N LYS A 98 -0.22 -29.18 6.06
CA LYS A 98 -1.53 -29.09 6.70
C LYS A 98 -1.96 -27.63 6.84
N ILE A 99 -1.04 -26.78 7.32
CA ILE A 99 -1.34 -25.38 7.58
C ILE A 99 -1.58 -24.66 6.26
N ARG A 100 -0.84 -25.07 5.23
CA ARG A 100 -1.01 -24.51 3.89
C ARG A 100 -2.44 -24.77 3.41
N ARG A 101 -2.84 -26.04 3.41
CA ARG A 101 -4.14 -26.45 2.90
C ARG A 101 -5.26 -25.79 3.70
N ASN A 102 -5.10 -25.71 5.02
CA ASN A 102 -6.11 -25.10 5.89
C ASN A 102 -6.22 -23.61 5.59
N SER A 103 -5.08 -22.93 5.46
CA SER A 103 -5.04 -21.50 5.23
C SER A 103 -5.61 -21.16 3.85
N GLU A 104 -5.42 -22.06 2.87
CA GLU A 104 -6.02 -21.92 1.56
C GLU A 104 -7.54 -21.86 1.69
N ALA A 105 -8.11 -22.87 2.34
CA ALA A 105 -9.55 -22.98 2.51
C ALA A 105 -10.09 -21.80 3.31
N ALA A 106 -9.33 -21.36 4.31
CA ALA A 106 -9.72 -20.27 5.18
C ALA A 106 -9.70 -18.94 4.42
N MET A 107 -8.65 -18.75 3.62
CA MET A 107 -8.48 -17.52 2.85
C MET A 107 -9.65 -17.34 1.89
N LEU A 108 -10.01 -18.41 1.19
CA LEU A 108 -11.13 -18.39 0.26
C LEU A 108 -12.42 -18.07 1.00
N GLN A 109 -12.61 -18.72 2.16
CA GLN A 109 -13.80 -18.53 2.97
C GLN A 109 -13.93 -17.06 3.36
N GLU A 110 -12.84 -16.45 3.83
CA GLU A 110 -12.86 -15.08 4.31
C GLU A 110 -13.10 -14.12 3.14
N LEU A 111 -12.41 -14.36 2.02
CA LEU A 111 -12.55 -13.54 0.83
C LEU A 111 -13.98 -13.63 0.30
N ASN A 112 -14.54 -14.85 0.27
CA ASN A 112 -15.89 -15.09 -0.21
C ASN A 112 -16.89 -14.35 0.67
N PHE A 113 -16.65 -14.32 1.99
CA PHE A 113 -17.54 -13.63 2.92
C PHE A 113 -17.41 -12.13 2.70
N GLY A 114 -16.21 -11.66 2.35
CA GLY A 114 -15.99 -10.27 2.01
C GLY A 114 -16.85 -9.83 0.82
N ALA A 115 -16.84 -10.67 -0.23
CA ALA A 115 -17.62 -10.42 -1.43
C ALA A 115 -19.12 -10.46 -1.10
N TYR A 116 -19.52 -11.45 -0.29
CA TYR A 116 -20.89 -11.60 0.13
C TYR A 116 -21.40 -10.30 0.77
N LEU A 117 -20.59 -9.73 1.67
CA LEU A 117 -20.95 -8.51 2.37
C LEU A 117 -20.92 -7.31 1.41
N GLY A 118 -20.15 -7.42 0.34
CA GLY A 118 -20.01 -6.34 -0.63
C GLY A 118 -19.07 -5.26 -0.12
N LEU A 119 -17.98 -5.69 0.54
CA LEU A 119 -17.00 -4.76 1.09
C LEU A 119 -16.27 -4.07 -0.06
N PRO A 120 -15.97 -2.75 0.06
CA PRO A 120 -15.26 -2.03 -0.99
C PRO A 120 -13.79 -2.42 -1.10
N ALA A 121 -13.19 -2.83 0.03
CA ALA A 121 -11.79 -3.22 0.06
C ALA A 121 -11.58 -4.32 1.09
N PHE A 122 -10.42 -5.01 0.97
CA PHE A 122 -10.04 -6.09 1.86
C PHE A 122 -8.52 -6.12 1.95
N LEU A 123 -8.00 -6.17 3.19
CA LEU A 123 -6.56 -6.09 3.44
C LEU A 123 -5.98 -7.49 3.50
N LEU A 124 -4.86 -7.70 2.78
CA LEU A 124 -4.06 -8.90 2.91
C LEU A 124 -2.61 -8.51 3.14
N PRO A 125 -1.89 -9.17 4.09
CA PRO A 125 -0.49 -8.81 4.37
C PRO A 125 0.54 -9.36 3.39
N LEU A 126 1.55 -8.54 3.12
CA LEU A 126 2.80 -8.98 2.53
C LEU A 126 3.91 -8.77 3.57
N ASN A 127 4.14 -9.78 4.41
CA ASN A 127 5.06 -9.66 5.53
C ASN A 127 6.21 -10.65 5.39
N GLN A 128 6.39 -11.22 4.20
CA GLN A 128 7.53 -12.08 3.92
C GLN A 128 7.81 -12.06 2.42
N GLU A 129 8.90 -12.73 2.01
CA GLU A 129 9.33 -12.71 0.63
C GLU A 129 8.42 -13.58 -0.23
N ASP A 130 8.21 -14.83 0.20
CA ASP A 130 7.45 -15.80 -0.58
C ASP A 130 5.96 -15.68 -0.26
N ASN A 131 5.20 -15.14 -1.23
CA ASN A 131 3.75 -15.07 -1.14
C ASN A 131 3.15 -15.62 -2.42
N THR A 132 3.69 -16.75 -2.89
CA THR A 132 3.34 -17.29 -4.19
C THR A 132 1.96 -17.94 -4.10
N ASN A 133 1.76 -18.80 -3.10
CA ASN A 133 0.51 -19.52 -2.94
C ASN A 133 -0.59 -18.55 -2.53
N LEU A 134 -0.22 -17.52 -1.75
CA LEU A 134 -1.13 -16.44 -1.40
C LEU A 134 -1.63 -15.78 -2.67
N ALA A 135 -0.71 -15.50 -3.61
CA ALA A 135 -1.05 -14.88 -4.88
C ALA A 135 -1.93 -15.80 -5.71
N ARG A 136 -1.64 -17.11 -5.66
CA ARG A 136 -2.34 -18.10 -6.46
C ARG A 136 -3.80 -18.22 -6.01
N VAL A 137 -4.03 -18.09 -4.69
CA VAL A 137 -5.36 -18.21 -4.14
C VAL A 137 -6.15 -16.93 -4.42
N LEU A 138 -5.49 -15.77 -4.29
CA LEU A 138 -6.14 -14.49 -4.54
C LEU A 138 -6.54 -14.39 -6.01
N THR A 139 -5.62 -14.79 -6.90
CA THR A 139 -5.86 -14.72 -8.34
C THR A 139 -7.05 -15.60 -8.70
N ASN A 140 -7.18 -16.75 -8.03
CA ASN A 140 -8.28 -17.67 -8.27
C ASN A 140 -9.60 -17.02 -7.84
N HIS A 141 -9.57 -16.32 -6.70
CA HIS A 141 -10.76 -15.65 -6.17
C HIS A 141 -11.19 -14.52 -7.11
N ILE A 142 -10.21 -13.78 -7.64
CA ILE A 142 -10.48 -12.66 -8.54
C ILE A 142 -11.16 -13.18 -9.80
N HIS A 143 -10.75 -14.37 -10.27
CA HIS A 143 -11.31 -14.96 -11.48
C HIS A 143 -12.40 -15.97 -11.13
N THR A 144 -13.17 -15.67 -10.08
CA THR A 144 -14.34 -16.45 -9.72
C THR A 144 -15.47 -15.50 -9.35
N GLY A 145 -16.60 -15.63 -10.04
CA GLY A 145 -17.75 -14.76 -9.84
C GLY A 145 -17.47 -13.35 -10.39
N HIS A 146 -18.19 -12.36 -9.86
CA HIS A 146 -18.01 -10.97 -10.22
C HIS A 146 -17.98 -10.12 -8.94
N HIS A 147 -17.00 -9.22 -8.87
CA HIS A 147 -16.90 -8.27 -7.77
C HIS A 147 -16.00 -7.11 -8.19
N SER A 148 -16.25 -5.94 -7.59
CA SER A 148 -15.44 -4.75 -7.82
C SER A 148 -14.59 -4.45 -6.58
N SER A 149 -14.63 -5.35 -5.58
CA SER A 149 -13.90 -5.18 -4.35
C SER A 149 -12.41 -5.07 -4.62
N MET A 150 -11.77 -4.10 -3.96
CA MET A 150 -10.33 -3.90 -4.07
C MET A 150 -9.61 -4.76 -3.04
N PHE A 151 -8.34 -5.10 -3.33
CA PHE A 151 -7.51 -5.82 -2.39
C PHE A 151 -6.28 -4.96 -2.09
N TRP A 152 -6.18 -4.54 -0.82
CA TRP A 152 -5.08 -3.71 -0.36
C TRP A 152 -4.01 -4.58 0.30
N MET A 153 -2.84 -4.66 -0.34
CA MET A 153 -1.74 -5.46 0.17
C MET A 153 -0.99 -4.64 1.22
N ARG A 154 -1.06 -5.10 2.48
CA ARG A 154 -0.37 -4.46 3.59
C ARG A 154 1.11 -4.81 3.50
N VAL A 155 1.93 -3.82 3.10
CA VAL A 155 3.35 -4.03 2.89
C VAL A 155 4.11 -2.90 3.59
N PRO A 156 5.11 -3.22 4.44
CA PRO A 156 5.87 -2.19 5.16
C PRO A 156 6.93 -1.52 4.30
N LEU A 157 7.24 -0.26 4.62
CA LEU A 157 8.39 0.43 4.06
C LEU A 157 9.65 -0.38 4.38
N VAL A 158 9.80 -0.73 5.65
CA VAL A 158 10.95 -1.48 6.14
C VAL A 158 10.46 -2.80 6.74
N ALA A 159 11.04 -3.91 6.27
CA ALA A 159 10.68 -5.24 6.73
C ALA A 159 10.82 -5.32 8.24
N PRO A 160 10.01 -6.17 8.94
CA PRO A 160 10.05 -6.23 10.40
C PRO A 160 11.43 -6.66 10.93
N GLU A 161 12.11 -7.51 10.16
CA GLU A 161 13.42 -8.02 10.52
C GLU A 161 14.47 -6.91 10.50
N ASP A 162 14.20 -5.83 9.76
CA ASP A 162 15.17 -4.79 9.51
C ASP A 162 14.96 -3.58 10.42
N LEU A 163 13.88 -3.58 11.21
CA LEU A 163 13.61 -2.50 12.15
C LEU A 163 13.45 -3.04 13.57
N ARG A 164 13.91 -4.28 13.79
CA ARG A 164 13.91 -4.85 15.13
C ARG A 164 15.04 -4.19 15.94
N ASP A 165 14.89 -4.21 17.27
CA ASP A 165 15.88 -3.62 18.16
C ASP A 165 17.10 -4.55 18.22
N ASP A 166 18.29 -3.95 18.34
CA ASP A 166 19.54 -4.68 18.40
C ASP A 166 19.77 -5.13 19.84
N ILE A 167 18.97 -6.10 20.29
CA ILE A 167 18.97 -6.53 21.68
C ILE A 167 19.13 -8.05 21.78
N ILE A 168 19.45 -8.72 20.66
CA ILE A 168 19.79 -10.13 20.68
C ILE A 168 21.32 -10.24 20.69
N GLU A 169 21.83 -10.90 21.74
CA GLU A 169 23.26 -10.95 22.02
C GLU A 169 24.01 -11.64 20.88
N ASN A 170 23.48 -12.79 20.43
CA ASN A 170 24.15 -13.62 19.45
C ASN A 170 23.50 -13.48 18.07
N ALA A 171 22.85 -12.33 17.82
CA ALA A 171 22.25 -12.06 16.53
C ALA A 171 22.18 -10.55 16.32
N PRO A 172 23.29 -9.89 15.92
CA PRO A 172 23.30 -8.44 15.75
C PRO A 172 22.59 -7.98 14.48
N THR A 173 22.05 -6.76 14.51
CA THR A 173 21.35 -6.20 13.37
C THR A 173 22.38 -5.81 12.31
N THR A 174 21.98 -5.90 11.04
CA THR A 174 22.86 -5.64 9.91
C THR A 174 23.22 -4.16 9.89
N HIS A 175 24.49 -3.87 10.23
CA HIS A 175 25.02 -2.51 10.27
C HIS A 175 25.72 -2.18 8.95
N THR A 176 25.38 -2.93 7.90
CA THR A 176 26.00 -2.77 6.58
C THR A 176 24.99 -2.10 5.65
N GLU A 177 25.47 -1.19 4.81
CA GLU A 177 24.63 -0.55 3.81
C GLU A 177 24.41 -1.53 2.67
N GLU A 178 23.19 -2.10 2.63
CA GLU A 178 22.78 -3.02 1.58
C GLU A 178 21.72 -2.34 0.71
N TYR A 179 22.16 -1.75 -0.40
CA TYR A 179 21.32 -0.92 -1.25
C TYR A 179 20.11 -1.73 -1.73
N SER A 180 20.36 -2.91 -2.30
CA SER A 180 19.30 -3.75 -2.83
C SER A 180 18.48 -4.36 -1.69
N GLY A 181 19.14 -4.70 -0.58
CA GLY A 181 18.50 -5.38 0.54
C GLY A 181 17.51 -4.49 1.28
N GLU A 182 17.76 -3.17 1.25
CA GLU A 182 16.89 -2.21 1.93
C GLU A 182 15.64 -1.93 1.09
N GLU A 183 15.63 -2.37 -0.17
CA GLU A 183 14.50 -2.21 -1.06
C GLU A 183 13.67 -3.49 -1.14
N LYS A 184 13.82 -4.38 -0.15
CA LYS A 184 13.33 -5.75 -0.29
C LYS A 184 11.80 -5.81 -0.27
N THR A 185 11.15 -4.87 0.43
CA THR A 185 9.71 -4.92 0.60
C THR A 185 9.01 -4.56 -0.72
N TRP A 186 9.67 -3.73 -1.55
CA TRP A 186 9.16 -3.43 -2.88
C TRP A 186 9.21 -4.68 -3.77
N MET A 187 10.25 -5.50 -3.58
N MET A 187 10.26 -5.49 -3.58
CA MET A 187 10.41 -6.72 -4.36
CA MET A 187 10.45 -6.73 -4.33
C MET A 187 9.35 -7.74 -3.96
C MET A 187 9.36 -7.74 -3.96
N TRP A 188 8.94 -7.73 -2.69
CA TRP A 188 7.83 -8.56 -2.23
C TRP A 188 6.56 -8.19 -2.98
N TRP A 189 6.30 -6.88 -3.04
CA TRP A 189 5.16 -6.33 -3.77
C TRP A 189 5.27 -6.66 -5.25
N HIS A 190 6.42 -6.35 -5.84
CA HIS A 190 6.63 -6.48 -7.27
C HIS A 190 6.34 -7.91 -7.73
N ASN A 191 6.89 -8.89 -7.00
CA ASN A 191 6.73 -10.29 -7.36
C ASN A 191 5.26 -10.69 -7.25
N PHE A 192 4.60 -10.22 -6.18
CA PHE A 192 3.21 -10.59 -5.92
C PHE A 192 2.32 -10.12 -7.07
N ARG A 193 2.46 -8.86 -7.47
CA ARG A 193 1.59 -8.27 -8.47
C ARG A 193 1.95 -8.80 -9.86
N THR A 194 3.19 -9.26 -10.05
CA THR A 194 3.60 -9.86 -11.31
C THR A 194 2.94 -11.22 -11.46
N LEU A 195 2.96 -12.01 -10.37
CA LEU A 195 2.28 -13.30 -10.33
C LEU A 195 0.79 -13.13 -10.61
N CYS A 196 0.20 -12.04 -10.09
CA CYS A 196 -1.22 -11.77 -10.23
C CYS A 196 -1.51 -11.03 -11.54
N ASP A 197 -0.45 -10.76 -12.31
CA ASP A 197 -0.56 -10.27 -13.68
C ASP A 197 -1.18 -8.87 -13.68
N TYR A 198 -0.68 -8.00 -12.78
CA TYR A 198 -1.08 -6.60 -12.72
C TYR A 198 -2.59 -6.48 -12.73
N SER A 199 -3.26 -7.11 -11.77
CA SER A 199 -4.69 -6.96 -11.60
C SER A 199 -4.99 -5.55 -11.10
N LYS A 200 -5.98 -4.90 -11.71
CA LYS A 200 -6.36 -3.54 -11.33
C LYS A 200 -7.07 -3.54 -9.98
N ARG A 201 -7.43 -4.74 -9.49
CA ARG A 201 -8.11 -4.88 -8.22
C ARG A 201 -7.10 -4.93 -7.06
N ILE A 202 -5.81 -5.09 -7.38
CA ILE A 202 -4.78 -5.25 -6.36
C ILE A 202 -3.98 -3.95 -6.25
N ALA A 203 -3.94 -3.40 -5.03
CA ALA A 203 -3.27 -2.13 -4.76
C ALA A 203 -2.48 -2.23 -3.46
N VAL A 204 -1.76 -1.16 -3.11
CA VAL A 204 -0.83 -1.16 -1.99
C VAL A 204 -1.42 -0.36 -0.82
N ALA A 205 -1.32 -0.95 0.38
CA ALA A 205 -1.48 -0.24 1.63
C ALA A 205 -0.13 -0.14 2.31
N LEU A 206 0.55 1.00 2.12
CA LEU A 206 1.94 1.16 2.51
C LEU A 206 2.01 1.51 4.00
N GLU A 207 2.68 0.64 4.77
CA GLU A 207 2.79 0.79 6.20
C GLU A 207 4.05 1.58 6.54
N ILE A 208 3.87 2.72 7.21
CA ILE A 208 4.97 3.63 7.53
C ILE A 208 5.54 3.25 8.90
N GLY A 209 6.87 3.18 8.99
CA GLY A 209 7.54 2.74 10.21
C GLY A 209 8.08 3.93 11.01
N ALA A 210 8.65 3.62 12.19
CA ALA A 210 9.20 4.63 13.08
C ALA A 210 10.42 5.29 12.44
N ASP A 211 11.38 4.47 12.01
CA ASP A 211 12.55 4.94 11.29
C ASP A 211 12.30 4.77 9.79
N LEU A 212 12.16 5.91 9.08
CA LEU A 212 12.03 5.89 7.63
C LEU A 212 13.33 5.36 7.04
N PRO A 213 13.28 4.63 5.90
CA PRO A 213 14.50 4.15 5.25
C PRO A 213 15.19 5.28 4.47
N SER A 214 16.26 4.92 3.76
CA SER A 214 16.94 5.86 2.88
C SER A 214 15.99 6.33 1.78
N ASN A 215 16.38 7.39 1.08
CA ASN A 215 15.50 8.10 0.16
C ASN A 215 15.17 7.20 -1.03
N HIS A 216 16.16 6.42 -1.48
CA HIS A 216 16.00 5.54 -2.64
C HIS A 216 14.92 4.49 -2.37
N VAL A 217 14.84 4.03 -1.12
CA VAL A 217 13.90 2.98 -0.72
C VAL A 217 12.46 3.52 -0.84
N ILE A 218 12.29 4.83 -0.61
CA ILE A 218 10.99 5.47 -0.69
C ILE A 218 10.65 5.76 -2.15
N ASP A 219 11.62 6.31 -2.88
CA ASP A 219 11.45 6.63 -4.30
C ASP A 219 11.03 5.39 -5.08
N ARG A 220 11.39 4.21 -4.54
CA ARG A 220 11.01 2.93 -5.11
C ARG A 220 9.51 2.87 -5.36
N TRP A 221 8.72 3.44 -4.44
CA TRP A 221 7.27 3.31 -4.45
C TRP A 221 6.59 4.36 -5.32
N LEU A 222 7.39 5.22 -5.98
CA LEU A 222 6.86 6.15 -6.96
C LEU A 222 6.35 5.35 -8.17
N GLY A 223 5.12 5.67 -8.60
CA GLY A 223 4.52 5.03 -9.76
C GLY A 223 3.87 3.69 -9.41
N GLU A 224 3.74 3.39 -8.11
CA GLU A 224 3.07 2.20 -7.65
C GLU A 224 1.65 2.56 -7.21
N PRO A 225 0.67 1.63 -7.36
CA PRO A 225 -0.72 1.92 -6.98
C PRO A 225 -0.91 1.90 -5.47
N ILE A 226 -0.52 3.01 -4.82
CA ILE A 226 -0.71 3.20 -3.40
C ILE A 226 -2.11 3.78 -3.19
N LYS A 227 -2.97 3.02 -2.51
CA LYS A 227 -4.33 3.46 -2.23
C LYS A 227 -4.45 3.89 -0.77
N ALA A 228 -3.63 3.29 0.11
CA ALA A 228 -3.68 3.58 1.53
C ALA A 228 -2.28 3.81 2.09
N ALA A 229 -2.20 4.57 3.18
CA ALA A 229 -0.97 4.75 3.94
C ALA A 229 -1.26 4.53 5.42
N ILE A 230 -0.77 3.40 5.95
CA ILE A 230 -1.03 3.00 7.32
C ILE A 230 -0.02 3.70 8.23
N LEU A 231 -0.54 4.43 9.23
CA LEU A 231 0.27 5.18 10.17
C LEU A 231 0.05 4.61 11.57
N PRO A 232 1.03 3.89 12.16
CA PRO A 232 0.91 3.44 13.55
C PRO A 232 0.97 4.64 14.50
N THR A 233 0.31 4.52 15.65
CA THR A 233 0.31 5.58 16.65
C THR A 233 1.70 5.73 17.27
N SER A 234 2.52 4.68 17.16
CA SER A 234 3.83 4.64 17.78
C SER A 234 4.81 5.63 17.14
N ILE A 235 4.56 6.01 15.88
CA ILE A 235 5.52 6.84 15.13
C ILE A 235 5.32 8.31 15.45
N PHE A 236 4.31 8.64 16.25
CA PHE A 236 3.98 10.03 16.56
C PHE A 236 4.82 10.51 17.75
N LEU A 237 5.49 11.65 17.56
CA LEU A 237 6.20 12.36 18.62
C LEU A 237 5.18 13.15 19.44
N THR A 238 5.66 13.76 20.53
CA THR A 238 4.82 14.58 21.39
C THR A 238 5.42 15.98 21.50
N ASN A 239 4.58 17.01 21.32
CA ASN A 239 5.03 18.39 21.35
C ASN A 239 4.97 18.90 22.79
N LYS A 240 5.25 20.21 22.97
CA LYS A 240 5.29 20.83 24.28
C LYS A 240 3.91 20.83 24.94
N LYS A 241 2.86 20.97 24.12
CA LYS A 241 1.48 21.00 24.60
C LYS A 241 1.11 19.62 25.13
N GLY A 242 1.68 18.56 24.55
CA GLY A 242 1.44 17.19 24.98
C GLY A 242 0.43 16.49 24.07
N PHE A 243 0.55 16.74 22.75
CA PHE A 243 -0.35 16.18 21.77
C PHE A 243 0.47 15.58 20.63
N PRO A 244 -0.08 14.59 19.88
CA PRO A 244 0.69 13.88 18.85
C PRO A 244 1.09 14.75 17.66
N VAL A 245 2.36 14.60 17.24
CA VAL A 245 2.89 15.26 16.06
C VAL A 245 3.85 14.28 15.36
N LEU A 246 4.36 14.68 14.19
CA LEU A 246 5.29 13.86 13.42
C LEU A 246 6.58 14.63 13.20
N SER A 247 7.64 13.89 12.83
CA SER A 247 8.94 14.47 12.53
C SER A 247 8.88 15.21 11.19
N LYS A 248 9.93 15.97 10.91
CA LYS A 248 10.05 16.69 9.64
C LYS A 248 10.25 15.71 8.50
N MET A 249 10.86 14.55 8.81
CA MET A 249 11.07 13.49 7.84
C MET A 249 9.71 12.91 7.41
N HIS A 250 8.87 12.62 8.41
CA HIS A 250 7.54 12.04 8.16
C HIS A 250 6.62 13.08 7.54
N GLN A 251 6.80 14.36 7.92
CA GLN A 251 5.97 15.45 7.41
C GLN A 251 6.09 15.55 5.90
N ARG A 252 7.33 15.50 5.40
CA ARG A 252 7.61 15.60 3.97
C ARG A 252 6.98 14.42 3.23
N LEU A 253 6.96 13.26 3.88
CA LEU A 253 6.41 12.04 3.29
C LEU A 253 4.89 12.16 3.17
N ILE A 254 4.23 12.66 4.22
CA ILE A 254 2.79 12.83 4.23
C ILE A 254 2.41 13.86 3.16
N PHE A 255 3.22 14.91 3.02
CA PHE A 255 2.99 15.96 2.03
C PHE A 255 3.05 15.36 0.63
N ARG A 256 4.01 14.44 0.41
CA ARG A 256 4.12 13.72 -0.85
C ARG A 256 2.90 12.82 -1.07
N LEU A 257 2.45 12.16 0.00
CA LEU A 257 1.36 11.21 -0.07
C LEU A 257 0.03 11.93 -0.33
N LEU A 258 -0.10 13.16 0.18
CA LEU A 258 -1.31 13.95 0.00
C LEU A 258 -1.49 14.33 -1.47
N LYS A 259 -0.38 14.44 -2.21
CA LYS A 259 -0.42 14.70 -3.64
C LYS A 259 -0.99 13.50 -4.39
N LEU A 260 -0.67 12.28 -3.91
CA LEU A 260 -1.17 11.06 -4.52
C LEU A 260 -2.64 10.83 -4.16
N GLU A 261 -3.16 11.59 -3.18
CA GLU A 261 -4.53 11.46 -2.73
C GLU A 261 -4.78 10.02 -2.29
N VAL A 262 -4.04 9.58 -1.27
CA VAL A 262 -4.24 8.28 -0.66
C VAL A 262 -5.15 8.47 0.55
N GLN A 263 -5.62 7.34 1.11
CA GLN A 263 -6.45 7.35 2.29
C GLN A 263 -5.61 6.89 3.48
N PHE A 264 -5.53 7.74 4.51
CA PHE A 264 -4.66 7.51 5.66
C PHE A 264 -5.40 6.67 6.69
N ILE A 265 -4.78 5.55 7.08
CA ILE A 265 -5.33 4.65 8.09
C ILE A 265 -4.48 4.78 9.36
N ILE A 266 -5.15 4.92 10.50
CA ILE A 266 -4.48 4.96 11.80
C ILE A 266 -4.64 3.59 12.45
N THR A 267 -3.51 3.02 12.91
CA THR A 267 -3.51 1.71 13.55
C THR A 267 -2.78 1.83 14.89
N GLY A 268 -3.14 0.93 15.82
CA GLY A 268 -2.49 0.86 17.12
C GLY A 268 -3.28 1.59 18.20
N THR A 269 -2.87 1.38 19.45
CA THR A 269 -3.56 1.91 20.62
C THR A 269 -3.18 3.38 20.81
N ASN A 270 -3.89 4.02 21.75
CA ASN A 270 -3.70 5.44 22.05
C ASN A 270 -2.54 5.59 23.04
N HIS A 271 -1.35 5.92 22.52
CA HIS A 271 -0.19 6.14 23.36
C HIS A 271 -0.26 7.54 23.98
N HIS A 272 -0.98 8.45 23.32
CA HIS A 272 -1.32 9.75 23.88
C HIS A 272 -2.66 9.62 24.62
N SER A 273 -2.60 8.99 25.81
CA SER A 273 -3.78 8.62 26.56
C SER A 273 -4.54 9.84 27.06
N GLU A 274 -3.80 10.88 27.46
CA GLU A 274 -4.38 12.08 28.05
C GLU A 274 -5.25 12.82 27.03
N LYS A 275 -4.95 12.64 25.74
CA LYS A 275 -5.69 13.30 24.67
C LYS A 275 -6.70 12.34 24.04
N GLU A 276 -7.54 12.88 23.15
CA GLU A 276 -8.50 12.10 22.39
C GLU A 276 -7.79 11.37 21.25
N PHE A 277 -8.53 10.49 20.57
CA PHE A 277 -8.00 9.74 19.44
C PHE A 277 -8.19 10.54 18.15
N CYS A 278 -9.04 11.57 18.20
CA CYS A 278 -9.28 12.45 17.07
C CYS A 278 -8.04 13.32 16.80
N SER A 279 -7.22 13.50 17.84
CA SER A 279 -6.04 14.35 17.77
C SER A 279 -5.09 13.89 16.66
N TYR A 280 -4.92 12.57 16.53
CA TYR A 280 -4.08 12.00 15.48
C TYR A 280 -4.59 12.46 14.11
N LEU A 281 -5.90 12.33 13.91
CA LEU A 281 -6.56 12.69 12.66
C LEU A 281 -6.52 14.20 12.46
N GLN A 282 -6.73 14.96 13.54
CA GLN A 282 -6.68 16.41 13.51
C GLN A 282 -5.32 16.90 13.02
N TYR A 283 -4.27 16.13 13.31
CA TYR A 283 -2.92 16.49 12.90
C TYR A 283 -2.77 16.30 11.39
N LEU A 284 -3.35 15.21 10.86
CA LEU A 284 -3.31 14.95 9.42
C LEU A 284 -4.11 16.03 8.69
N GLU A 285 -5.24 16.44 9.26
CA GLU A 285 -6.04 17.54 8.75
C GLU A 285 -5.21 18.82 8.77
N TYR A 286 -4.49 19.05 9.88
CA TYR A 286 -3.64 20.21 10.05
C TYR A 286 -2.62 20.28 8.92
N LEU A 287 -2.01 19.13 8.60
CA LEU A 287 -1.04 19.05 7.51
C LEU A 287 -1.73 19.29 6.17
N SER A 288 -2.94 18.73 6.01
CA SER A 288 -3.69 18.82 4.77
C SER A 288 -3.96 20.28 4.40
N GLN A 289 -4.35 21.08 5.39
CA GLN A 289 -4.64 22.49 5.18
C GLN A 289 -3.35 23.24 4.91
N ASN A 290 -2.27 22.86 5.61
CA ASN A 290 -0.99 23.53 5.53
C ASN A 290 -0.12 22.85 4.46
N ARG A 291 -0.47 23.09 3.18
CA ARG A 291 0.35 22.64 2.06
C ARG A 291 0.37 23.76 1.03
N PRO A 292 1.35 23.77 0.08
CA PRO A 292 1.35 24.75 -1.00
C PRO A 292 0.10 24.60 -1.87
N PRO A 293 -0.75 25.66 -1.99
CA PRO A 293 -2.00 25.55 -2.74
C PRO A 293 -1.79 25.29 -4.23
N PRO A 294 -2.76 24.66 -4.92
CA PRO A 294 -2.60 24.32 -6.35
C PRO A 294 -2.49 25.56 -7.23
N ASN A 295 -1.49 25.56 -8.12
CA ASN A 295 -1.27 26.66 -9.04
C ASN A 295 -2.29 26.56 -10.18
N ALA A 296 -2.19 27.47 -11.16
CA ALA A 296 -3.10 27.50 -12.29
C ALA A 296 -3.13 26.16 -13.02
N TYR A 297 -1.97 25.49 -13.11
CA TYR A 297 -1.85 24.21 -13.78
C TYR A 297 -2.58 23.14 -12.98
N GLU A 298 -2.19 22.98 -11.71
CA GLU A 298 -2.68 21.91 -10.86
C GLU A 298 -4.16 22.08 -10.55
N LEU A 299 -4.64 23.33 -10.54
CA LEU A 299 -6.04 23.61 -10.33
C LEU A 299 -6.87 23.09 -11.51
N PHE A 300 -6.42 23.41 -12.73
CA PHE A 300 -7.13 23.06 -13.94
C PHE A 300 -6.98 21.58 -14.24
N ALA A 301 -5.75 21.06 -14.06
CA ALA A 301 -5.43 19.68 -14.38
C ALA A 301 -6.13 18.72 -13.41
N LYS A 302 -6.49 19.22 -12.22
CA LYS A 302 -7.16 18.42 -11.21
C LYS A 302 -8.37 17.70 -11.83
N GLY A 303 -8.24 16.37 -11.97
CA GLY A 303 -9.28 15.54 -12.56
C GLY A 303 -8.71 14.63 -13.66
N TYR A 304 -7.67 15.11 -14.34
CA TYR A 304 -7.11 14.42 -15.50
C TYR A 304 -5.86 13.63 -15.12
N GLU A 305 -5.61 13.46 -13.81
CA GLU A 305 -4.43 12.73 -13.35
C GLU A 305 -4.44 11.32 -13.93
N ASP A 306 -3.41 11.01 -14.73
CA ASP A 306 -3.20 9.69 -15.30
C ASP A 306 -4.42 9.25 -16.10
N TYR A 307 -5.03 10.19 -16.83
CA TYR A 307 -6.13 9.89 -17.73
C TYR A 307 -5.59 9.88 -19.16
N LEU A 308 -5.70 8.72 -19.82
CA LEU A 308 -5.15 8.54 -21.16
C LEU A 308 -6.11 9.15 -22.17
N GLN A 309 -5.55 9.92 -23.11
CA GLN A 309 -6.31 10.53 -24.20
C GLN A 309 -5.52 10.38 -25.50
N SER A 310 -6.26 10.26 -26.62
CA SER A 310 -5.66 10.15 -27.93
C SER A 310 -5.04 11.48 -28.32
N PRO A 311 -3.81 11.49 -28.90
CA PRO A 311 -3.23 12.73 -29.44
C PRO A 311 -4.10 13.34 -30.53
N LEU A 312 -4.37 14.65 -30.41
CA LEU A 312 -5.18 15.37 -31.37
C LEU A 312 -4.48 15.38 -32.73
N GLN A 313 -5.26 15.27 -33.81
CA GLN A 313 -4.76 15.35 -35.15
C GLN A 313 -5.54 16.42 -35.91
N PRO A 314 -5.17 17.72 -35.75
CA PRO A 314 -5.90 18.82 -36.39
C PRO A 314 -5.87 18.84 -37.92
N LEU A 315 -4.89 18.16 -38.52
CA LEU A 315 -4.80 18.06 -39.98
C LEU A 315 -5.85 17.07 -40.48
N MET A 316 -5.77 15.83 -39.97
CA MET A 316 -6.62 14.75 -40.42
C MET A 316 -8.07 15.01 -40.00
N ASP A 317 -8.26 15.50 -38.77
CA ASP A 317 -9.58 15.76 -38.23
C ASP A 317 -9.85 17.26 -38.22
N ASN A 318 -11.15 17.60 -38.27
CA ASN A 318 -11.59 18.97 -38.04
C ASN A 318 -11.97 19.11 -36.56
N LEU A 319 -11.23 19.96 -35.84
CA LEU A 319 -11.43 20.13 -34.41
C LEU A 319 -12.78 20.80 -34.16
N GLU A 320 -13.41 20.43 -33.05
CA GLU A 320 -14.71 20.98 -32.67
C GLU A 320 -14.52 22.39 -32.10
N SER A 321 -15.65 23.10 -31.93
CA SER A 321 -15.66 24.44 -31.38
C SER A 321 -15.01 24.47 -29.99
N GLN A 322 -15.41 23.51 -29.14
CA GLN A 322 -15.00 23.51 -27.75
C GLN A 322 -13.57 22.99 -27.58
N THR A 323 -12.97 22.48 -28.67
CA THR A 323 -11.56 22.14 -28.67
C THR A 323 -10.72 23.40 -28.90
N TYR A 324 -11.19 24.27 -29.80
CA TYR A 324 -10.56 25.56 -30.03
C TYR A 324 -10.74 26.46 -28.82
N GLU A 325 -11.91 26.35 -28.17
CA GLU A 325 -12.26 27.17 -27.03
C GLU A 325 -11.22 27.02 -25.92
N VAL A 326 -10.82 25.77 -25.65
CA VAL A 326 -9.93 25.48 -24.53
C VAL A 326 -8.50 25.90 -24.86
N PHE A 327 -8.14 25.88 -26.16
CA PHE A 327 -6.84 26.34 -26.59
C PHE A 327 -6.72 27.84 -26.34
N GLU A 328 -7.79 28.57 -26.70
CA GLU A 328 -7.84 30.02 -26.57
C GLU A 328 -7.81 30.45 -25.10
N LYS A 329 -8.12 29.53 -24.19
CA LYS A 329 -8.19 29.83 -22.76
C LYS A 329 -6.80 29.78 -22.11
N ASP A 330 -5.74 29.80 -22.92
CA ASP A 330 -4.37 29.82 -22.42
C ASP A 330 -3.72 31.15 -22.79
N PRO A 331 -3.85 32.21 -21.96
CA PRO A 331 -3.33 33.53 -22.31
C PRO A 331 -1.81 33.65 -22.34
N ILE A 332 -1.11 32.74 -21.63
CA ILE A 332 0.34 32.78 -21.55
C ILE A 332 0.92 32.47 -22.93
N LYS A 333 0.32 31.51 -23.64
CA LYS A 333 0.81 31.06 -24.93
C LYS A 333 0.74 32.20 -25.95
N TYR A 334 -0.40 32.89 -26.02
CA TYR A 334 -0.65 33.86 -27.07
C TYR A 334 0.07 35.18 -26.76
N SER A 335 0.29 35.46 -25.47
CA SER A 335 1.10 36.60 -25.08
C SER A 335 2.54 36.41 -25.54
N GLN A 336 3.00 35.15 -25.54
CA GLN A 336 4.33 34.79 -26.04
C GLN A 336 4.37 34.95 -27.56
N TYR A 337 3.30 34.53 -28.24
CA TYR A 337 3.18 34.70 -29.68
C TYR A 337 3.14 36.18 -30.02
N GLN A 338 2.41 36.96 -29.21
CA GLN A 338 2.29 38.39 -29.40
C GLN A 338 3.66 39.05 -29.29
N GLN A 339 4.44 38.64 -28.29
CA GLN A 339 5.74 39.22 -28.00
C GLN A 339 6.75 38.82 -29.07
N ALA A 340 6.63 37.59 -29.59
CA ALA A 340 7.51 37.08 -30.63
C ALA A 340 7.34 37.88 -31.91
N ILE A 341 6.08 38.15 -32.29
CA ILE A 341 5.76 38.87 -33.50
C ILE A 341 6.15 40.34 -33.32
N TYR A 342 5.86 40.90 -32.14
CA TYR A 342 6.23 42.26 -31.80
C TYR A 342 7.73 42.49 -32.04
N LYS A 343 8.55 41.54 -31.58
CA LYS A 343 10.00 41.67 -31.70
C LYS A 343 10.44 41.54 -33.16
N CYS A 344 9.79 40.63 -33.90
CA CYS A 344 10.17 40.36 -35.28
C CYS A 344 9.83 41.56 -36.18
N LEU A 345 8.74 42.26 -35.86
CA LEU A 345 8.31 43.42 -36.64
C LEU A 345 9.33 44.55 -36.47
N LEU A 346 9.83 44.74 -35.25
CA LEU A 346 10.79 45.80 -34.97
C LEU A 346 12.12 45.51 -35.66
N ASP A 347 12.50 44.23 -35.75
CA ASP A 347 13.75 43.82 -36.37
C ASP A 347 13.68 43.98 -37.88
N ARG A 348 12.51 43.71 -38.46
CA ARG A 348 12.36 43.69 -39.92
C ARG A 348 12.09 45.09 -40.47
N VAL A 349 11.44 45.95 -39.67
CA VAL A 349 11.08 47.29 -40.11
C VAL A 349 11.78 48.31 -39.21
N PRO A 350 12.68 49.16 -39.75
CA PRO A 350 13.30 50.23 -38.95
C PRO A 350 12.32 51.37 -38.69
N GLU A 351 12.76 52.33 -37.86
CA GLU A 351 11.92 53.42 -37.41
C GLU A 351 11.60 54.37 -38.56
N GLU A 352 12.56 54.54 -39.48
CA GLU A 352 12.43 55.45 -40.60
C GLU A 352 11.48 54.88 -41.66
N GLU A 353 11.26 53.55 -41.63
CA GLU A 353 10.37 52.90 -42.58
C GLU A 353 9.08 52.45 -41.90
N LYS A 354 8.66 53.19 -40.87
CA LYS A 354 7.51 52.81 -40.06
C LYS A 354 6.24 52.71 -40.92
N ASP A 355 6.00 53.75 -41.74
CA ASP A 355 4.75 53.87 -42.47
C ASP A 355 4.93 53.67 -43.97
N THR A 356 6.15 53.32 -44.40
CA THR A 356 6.40 52.97 -45.79
C THR A 356 6.21 51.46 -45.98
N ASN A 357 6.67 50.68 -45.01
CA ASN A 357 6.75 49.23 -45.13
C ASN A 357 5.57 48.59 -44.41
N VAL A 358 4.73 47.87 -45.17
CA VAL A 358 3.66 47.06 -44.62
C VAL A 358 4.11 45.59 -44.72
N GLN A 359 4.24 44.94 -43.55
CA GLN A 359 4.70 43.56 -43.48
C GLN A 359 3.55 42.61 -43.79
N VAL A 360 3.82 41.60 -44.63
CA VAL A 360 2.83 40.61 -44.99
C VAL A 360 2.94 39.44 -44.03
N LEU A 361 1.94 39.32 -43.12
CA LEU A 361 1.87 38.21 -42.18
C LEU A 361 0.86 37.19 -42.70
N MET A 362 1.14 35.91 -42.44
CA MET A 362 0.26 34.82 -42.83
C MET A 362 0.14 33.82 -41.69
N VAL A 363 -1.03 33.80 -41.04
CA VAL A 363 -1.33 32.82 -40.01
C VAL A 363 -1.72 31.52 -40.71
N LEU A 364 -0.87 30.50 -40.59
CA LEU A 364 -1.09 29.22 -41.23
C LEU A 364 -1.72 28.24 -40.24
N GLY A 365 -3.05 28.09 -40.34
CA GLY A 365 -3.83 27.33 -39.37
C GLY A 365 -4.42 28.25 -38.31
N ALA A 366 -5.35 29.11 -38.75
CA ALA A 366 -5.79 30.26 -37.96
C ALA A 366 -6.79 29.86 -36.88
N GLY A 367 -7.46 28.71 -37.04
CA GLY A 367 -8.47 28.27 -36.09
C GLY A 367 -9.61 29.28 -36.02
N ARG A 368 -9.97 29.69 -34.79
CA ARG A 368 -11.00 30.71 -34.58
C ARG A 368 -10.36 32.08 -34.41
N GLY A 369 -9.05 32.17 -34.67
CA GLY A 369 -8.36 33.45 -34.84
C GLY A 369 -7.80 34.02 -33.54
N PRO A 370 -7.09 33.23 -32.68
CA PRO A 370 -6.37 33.80 -31.54
C PRO A 370 -5.06 34.49 -31.94
N LEU A 371 -4.39 33.96 -32.98
CA LEU A 371 -3.12 34.49 -33.44
C LEU A 371 -3.33 35.79 -34.21
N VAL A 372 -4.35 35.80 -35.08
CA VAL A 372 -4.69 36.99 -35.84
C VAL A 372 -4.84 38.16 -34.88
N ASN A 373 -5.60 37.95 -33.80
CA ASN A 373 -5.80 38.96 -32.77
C ASN A 373 -4.46 39.35 -32.15
N ALA A 374 -3.63 38.36 -31.84
CA ALA A 374 -2.32 38.60 -31.25
C ALA A 374 -1.43 39.36 -32.24
N SER A 375 -1.56 39.04 -33.54
CA SER A 375 -0.81 39.73 -34.59
C SER A 375 -1.23 41.18 -34.70
N LEU A 376 -2.52 41.46 -34.45
CA LEU A 376 -3.03 42.82 -34.45
C LEU A 376 -2.51 43.57 -33.23
N ARG A 377 -2.56 42.92 -32.05
CA ARG A 377 -2.07 43.52 -30.82
C ARG A 377 -0.57 43.80 -30.94
N ALA A 378 0.17 42.86 -31.54
CA ALA A 378 1.61 42.96 -31.68
C ALA A 378 1.99 44.17 -32.53
N ALA A 379 1.26 44.35 -33.65
CA ALA A 379 1.52 45.43 -34.58
C ALA A 379 1.20 46.79 -33.95
N LYS A 380 0.21 46.81 -33.04
CA LYS A 380 -0.23 48.04 -32.41
C LYS A 380 0.75 48.47 -31.33
N GLN A 381 1.28 47.51 -30.56
CA GLN A 381 2.23 47.82 -29.50
C GLN A 381 3.59 48.13 -30.10
N ALA A 382 3.88 47.59 -31.30
CA ALA A 382 5.10 47.89 -32.03
C ALA A 382 4.93 49.18 -32.83
N ASP A 383 3.69 49.47 -33.25
CA ASP A 383 3.37 50.61 -34.09
C ASP A 383 3.98 50.40 -35.47
N ARG A 384 3.57 49.31 -36.13
CA ARG A 384 4.02 48.97 -37.47
C ARG A 384 2.80 48.48 -38.28
N ARG A 385 2.90 48.60 -39.61
CA ARG A 385 1.80 48.25 -40.50
C ARG A 385 1.92 46.79 -40.92
N ILE A 386 0.78 46.08 -40.96
CA ILE A 386 0.75 44.68 -41.33
C ILE A 386 -0.41 44.39 -42.27
N LYS A 387 -0.23 43.37 -43.12
CA LYS A 387 -1.28 42.83 -43.97
C LYS A 387 -1.42 41.33 -43.65
N LEU A 388 -2.61 40.94 -43.15
CA LEU A 388 -2.81 39.61 -42.62
C LEU A 388 -3.54 38.72 -43.61
N TYR A 389 -3.05 37.48 -43.74
CA TYR A 389 -3.80 36.38 -44.31
C TYR A 389 -4.10 35.39 -43.18
N ALA A 390 -5.28 34.77 -43.22
CA ALA A 390 -5.68 33.79 -42.22
C ALA A 390 -6.07 32.49 -42.91
N VAL A 391 -5.05 31.65 -43.17
CA VAL A 391 -5.25 30.38 -43.86
C VAL A 391 -5.75 29.35 -42.86
N GLU A 392 -6.83 28.64 -43.23
CA GLU A 392 -7.44 27.63 -42.38
C GLU A 392 -8.19 26.64 -43.26
N LYS A 393 -7.93 25.33 -43.05
CA LYS A 393 -8.50 24.28 -43.88
C LYS A 393 -9.84 23.82 -43.30
N ASN A 394 -9.98 23.84 -41.97
CA ASN A 394 -11.21 23.46 -41.29
C ASN A 394 -12.31 24.44 -41.68
N PRO A 395 -13.33 24.02 -42.47
CA PRO A 395 -14.36 24.93 -42.95
C PRO A 395 -15.33 25.41 -41.86
N ASN A 396 -15.38 24.65 -40.75
CA ASN A 396 -16.23 24.99 -39.62
C ASN A 396 -15.64 26.17 -38.85
N ALA A 397 -14.30 26.22 -38.79
CA ALA A 397 -13.59 27.30 -38.13
C ALA A 397 -13.61 28.55 -39.01
N VAL A 398 -13.58 28.35 -40.33
CA VAL A 398 -13.59 29.44 -41.30
C VAL A 398 -14.89 30.25 -41.17
N VAL A 399 -15.96 29.61 -40.67
CA VAL A 399 -17.21 30.29 -40.41
C VAL A 399 -17.01 31.33 -39.31
N THR A 400 -16.25 30.96 -38.27
CA THR A 400 -15.98 31.85 -37.16
C THR A 400 -15.13 33.02 -37.63
N LEU A 401 -14.07 32.70 -38.40
CA LEU A 401 -13.13 33.69 -38.90
C LEU A 401 -13.85 34.76 -39.70
N GLU A 402 -14.74 34.34 -40.62
CA GLU A 402 -15.38 35.24 -41.56
C GLU A 402 -16.39 36.13 -40.84
N ASN A 403 -17.09 35.59 -39.83
CA ASN A 403 -18.01 36.37 -39.02
C ASN A 403 -17.23 37.43 -38.24
N TRP A 404 -16.11 37.02 -37.63
CA TRP A 404 -15.21 37.95 -36.95
C TRP A 404 -14.68 39.00 -37.93
N GLN A 405 -14.27 38.53 -39.13
CA GLN A 405 -13.60 39.39 -40.10
C GLN A 405 -14.55 40.49 -40.58
N PHE A 406 -15.83 40.13 -40.81
CA PHE A 406 -16.83 41.07 -41.26
C PHE A 406 -17.14 42.08 -40.15
N GLU A 407 -17.22 41.59 -38.91
CA GLU A 407 -17.68 42.41 -37.79
C GLU A 407 -16.56 43.29 -37.24
N GLU A 408 -15.34 42.73 -37.14
CA GLU A 408 -14.28 43.35 -36.36
C GLU A 408 -13.08 43.72 -37.23
N TRP A 409 -12.45 42.73 -37.86
CA TRP A 409 -11.14 42.91 -38.47
C TRP A 409 -11.23 43.83 -39.70
N GLY A 410 -11.97 43.37 -40.73
CA GLY A 410 -12.10 44.11 -41.97
C GLY A 410 -11.20 43.55 -43.06
N SER A 411 -10.82 44.41 -44.02
CA SER A 411 -10.12 44.00 -45.22
C SER A 411 -8.63 43.82 -44.97
N GLN A 412 -8.15 44.23 -43.79
CA GLN A 412 -6.76 44.04 -43.43
C GLN A 412 -6.45 42.55 -43.31
N VAL A 413 -7.44 41.79 -42.84
CA VAL A 413 -7.33 40.33 -42.74
C VAL A 413 -8.06 39.70 -43.92
N THR A 414 -7.33 38.89 -44.70
CA THR A 414 -7.90 38.13 -45.80
C THR A 414 -8.03 36.67 -45.37
N VAL A 415 -9.26 36.24 -45.07
CA VAL A 415 -9.51 34.87 -44.64
C VAL A 415 -9.42 33.96 -45.86
N VAL A 416 -8.52 32.98 -45.80
CA VAL A 416 -8.36 31.98 -46.85
C VAL A 416 -8.84 30.64 -46.30
N SER A 417 -9.75 29.99 -47.04
CA SER A 417 -10.28 28.70 -46.66
C SER A 417 -9.62 27.61 -47.51
N SER A 418 -8.43 27.18 -47.09
CA SER A 418 -7.63 26.26 -47.90
C SER A 418 -6.58 25.56 -47.05
N ASP A 419 -6.01 24.49 -47.63
CA ASP A 419 -4.83 23.83 -47.10
C ASP A 419 -3.62 24.67 -47.49
N MET A 420 -2.68 24.83 -46.54
CA MET A 420 -1.51 25.68 -46.77
C MET A 420 -0.56 25.03 -47.78
N ARG A 421 -0.64 23.70 -47.89
CA ARG A 421 0.21 22.95 -48.81
C ARG A 421 -0.30 23.07 -50.24
N GLU A 422 -1.57 23.47 -50.40
CA GLU A 422 -2.22 23.57 -51.70
C GLU A 422 -2.29 25.02 -52.16
N TRP A 423 -2.65 25.91 -51.22
CA TRP A 423 -2.97 27.30 -51.50
C TRP A 423 -1.93 27.94 -52.42
N VAL A 424 -2.41 28.54 -53.52
CA VAL A 424 -1.60 29.35 -54.40
C VAL A 424 -1.64 30.79 -53.89
N ALA A 425 -0.54 31.24 -53.28
CA ALA A 425 -0.48 32.55 -52.66
C ALA A 425 -0.41 33.64 -53.73
N PRO A 426 -1.18 34.74 -53.61
CA PRO A 426 -1.07 35.87 -54.54
C PRO A 426 0.02 36.86 -54.15
N GLU A 427 0.77 36.53 -53.08
CA GLU A 427 1.78 37.41 -52.52
C GLU A 427 2.65 36.57 -51.58
N LYS A 428 3.96 36.88 -51.53
CA LYS A 428 4.87 36.18 -50.63
C LYS A 428 4.87 36.88 -49.27
N ALA A 429 5.15 36.09 -48.22
CA ALA A 429 5.04 36.55 -46.86
C ALA A 429 6.41 36.96 -46.32
N ASP A 430 6.40 37.96 -45.43
CA ASP A 430 7.58 38.36 -44.68
C ASP A 430 7.66 37.51 -43.41
N ILE A 431 6.50 37.24 -42.81
CA ILE A 431 6.39 36.36 -41.65
C ILE A 431 5.28 35.35 -41.90
N ILE A 432 5.51 34.09 -41.51
CA ILE A 432 4.46 33.10 -41.38
C ILE A 432 4.36 32.68 -39.92
N VAL A 433 3.14 32.65 -39.39
CA VAL A 433 2.89 32.30 -38.00
C VAL A 433 2.03 31.03 -37.97
N SER A 434 2.38 30.10 -37.08
CA SER A 434 1.71 28.81 -37.02
C SER A 434 1.62 28.31 -35.58
N GLU A 435 0.65 27.41 -35.34
CA GLU A 435 0.37 26.86 -34.03
C GLU A 435 0.08 25.36 -34.19
N LEU A 436 0.94 24.69 -34.95
CA LEU A 436 0.69 23.32 -35.38
C LEU A 436 1.49 22.33 -34.54
N LEU A 437 1.78 22.69 -33.28
CA LEU A 437 2.61 21.87 -32.43
C LEU A 437 1.74 21.11 -31.44
N GLY A 438 2.06 19.83 -31.24
CA GLY A 438 1.40 18.99 -30.26
C GLY A 438 2.28 18.81 -29.02
N SER A 439 2.03 17.71 -28.29
CA SER A 439 2.75 17.42 -27.06
C SER A 439 4.16 16.91 -27.35
N PHE A 440 4.35 16.30 -28.53
CA PHE A 440 5.66 15.81 -28.94
C PHE A 440 6.17 16.65 -30.11
N ALA A 441 5.78 17.93 -30.14
CA ALA A 441 6.21 18.89 -31.15
C ALA A 441 5.66 18.53 -32.52
N ASP A 442 6.28 17.55 -33.18
CA ASP A 442 6.04 17.26 -34.59
C ASP A 442 4.97 16.19 -34.76
N ASN A 443 4.18 15.93 -33.71
CA ASN A 443 3.20 14.86 -33.73
C ASN A 443 1.93 15.29 -34.48
N GLU A 444 1.86 16.57 -34.88
CA GLU A 444 0.75 17.07 -35.68
C GLU A 444 1.20 17.37 -37.11
N LEU A 445 2.41 16.91 -37.47
CA LEU A 445 2.95 17.04 -38.81
C LEU A 445 3.17 18.52 -39.16
N SER A 446 3.69 19.28 -38.19
CA SER A 446 4.05 20.67 -38.41
C SER A 446 5.16 20.77 -39.46
N PRO A 447 6.18 19.88 -39.45
CA PRO A 447 7.21 19.89 -40.50
C PRO A 447 6.66 19.80 -41.92
N GLU A 448 5.72 18.87 -42.14
CA GLU A 448 5.20 18.60 -43.47
C GLU A 448 4.38 19.80 -43.97
N CYS A 449 3.60 20.41 -43.08
CA CYS A 449 2.71 21.50 -43.44
C CYS A 449 3.51 22.76 -43.78
N LEU A 450 4.52 23.08 -42.94
CA LEU A 450 5.29 24.29 -43.11
C LEU A 450 6.29 24.15 -44.27
N ASP A 451 6.69 22.91 -44.57
CA ASP A 451 7.51 22.63 -45.73
C ASP A 451 6.73 22.95 -47.00
N GLY A 452 5.44 22.60 -47.01
CA GLY A 452 4.59 22.80 -48.17
C GLY A 452 4.09 24.24 -48.30
N ALA A 453 4.26 25.04 -47.23
CA ALA A 453 3.89 26.44 -47.22
C ALA A 453 5.13 27.32 -47.39
N GLN A 454 6.30 26.68 -47.54
CA GLN A 454 7.59 27.36 -47.50
C GLN A 454 7.78 28.23 -48.75
N HIS A 455 7.21 27.78 -49.87
CA HIS A 455 7.41 28.40 -51.17
C HIS A 455 6.92 29.85 -51.21
N PHE A 456 5.87 30.19 -50.44
CA PHE A 456 5.33 31.54 -50.44
C PHE A 456 5.86 32.33 -49.26
N LEU A 457 7.05 31.95 -48.76
CA LEU A 457 7.81 32.78 -47.83
C LEU A 457 8.88 33.52 -48.64
N LYS A 458 9.10 34.80 -48.30
CA LYS A 458 10.15 35.59 -48.94
C LYS A 458 11.50 34.93 -48.64
N ASP A 459 12.48 35.16 -49.52
CA ASP A 459 13.79 34.54 -49.41
C ASP A 459 14.45 34.88 -48.08
N ASP A 460 14.07 36.03 -47.50
CA ASP A 460 14.59 36.48 -46.22
C ASP A 460 13.50 36.41 -45.15
N GLY A 461 12.46 35.60 -45.39
CA GLY A 461 11.28 35.59 -44.55
C GLY A 461 11.51 34.80 -43.26
N VAL A 462 10.63 35.04 -42.27
CA VAL A 462 10.74 34.44 -40.95
C VAL A 462 9.56 33.50 -40.74
N SER A 463 9.80 32.44 -39.94
CA SER A 463 8.75 31.55 -39.48
C SER A 463 8.68 31.60 -37.96
N ILE A 464 7.46 31.74 -37.43
CA ILE A 464 7.20 31.69 -36.01
C ILE A 464 6.20 30.56 -35.76
N PRO A 465 6.60 29.41 -35.16
CA PRO A 465 7.94 29.23 -34.60
C PRO A 465 9.03 28.93 -35.63
N GLY A 466 10.27 29.29 -35.28
CA GLY A 466 11.43 29.07 -36.13
C GLY A 466 12.06 27.71 -35.88
N GLU A 467 11.85 27.15 -34.68
CA GLU A 467 12.43 25.88 -34.30
C GLU A 467 11.59 25.23 -33.20
N TYR A 468 11.64 23.89 -33.15
CA TYR A 468 11.07 23.14 -32.04
C TYR A 468 11.81 21.81 -31.88
N THR A 469 11.87 21.34 -30.64
CA THR A 469 12.59 20.12 -30.28
C THR A 469 11.69 19.28 -29.37
N SER A 470 11.72 17.96 -29.57
CA SER A 470 11.01 17.02 -28.72
C SER A 470 12.01 16.38 -27.75
N PHE A 471 11.51 16.03 -26.55
CA PHE A 471 12.34 15.42 -25.52
C PHE A 471 11.69 14.12 -25.06
N LEU A 472 12.52 13.17 -24.59
CA LEU A 472 12.05 11.91 -24.04
C LEU A 472 12.70 11.66 -22.69
N ALA A 473 12.00 10.92 -21.83
CA ALA A 473 12.52 10.53 -20.53
C ALA A 473 11.89 9.19 -20.12
N PRO A 474 12.69 8.20 -19.66
CA PRO A 474 12.15 6.91 -19.23
C PRO A 474 11.37 7.07 -17.93
N ILE A 475 10.23 6.36 -17.82
CA ILE A 475 9.39 6.43 -16.64
C ILE A 475 9.04 5.03 -16.16
N SER A 476 8.74 4.94 -14.86
CA SER A 476 8.24 3.72 -14.24
C SER A 476 6.89 4.03 -13.59
N SER A 477 5.82 3.45 -14.16
CA SER A 477 4.48 3.60 -13.62
C SER A 477 3.67 2.34 -13.87
N SER A 478 3.51 1.54 -12.81
CA SER A 478 2.70 0.33 -12.85
C SER A 478 1.23 0.68 -13.01
N LYS A 479 0.86 1.91 -12.61
CA LYS A 479 -0.48 2.44 -12.80
C LYS A 479 -0.74 2.68 -14.28
N LEU A 480 0.14 3.45 -14.93
CA LEU A 480 -0.03 3.86 -16.31
C LEU A 480 0.08 2.66 -17.24
N TYR A 481 1.01 1.74 -16.95
CA TYR A 481 1.13 0.51 -17.70
C TYR A 481 -0.21 -0.24 -17.67
N ASN A 482 -0.81 -0.30 -16.48
CA ASN A 482 -2.04 -1.04 -16.26
C ASN A 482 -3.21 -0.32 -16.93
N GLU A 483 -3.07 1.00 -17.10
CA GLU A 483 -4.08 1.83 -17.75
C GLU A 483 -4.10 1.57 -19.25
N VAL A 484 -2.90 1.53 -19.85
CA VAL A 484 -2.73 1.30 -21.29
C VAL A 484 -3.27 -0.09 -21.62
N ARG A 485 -2.84 -1.08 -20.84
CA ARG A 485 -3.30 -2.46 -20.92
C ARG A 485 -4.81 -2.53 -21.13
N ALA A 486 -5.54 -1.69 -20.39
CA ALA A 486 -7.00 -1.72 -20.36
C ALA A 486 -7.62 -1.08 -21.60
N CYS A 487 -6.80 -0.49 -22.48
CA CYS A 487 -7.30 0.13 -23.71
C CYS A 487 -7.42 -0.90 -24.83
N ARG A 488 -7.37 -2.20 -24.50
CA ARG A 488 -7.58 -3.23 -25.49
C ARG A 488 -9.02 -3.16 -25.98
N GLU A 489 -9.18 -3.21 -27.31
CA GLU A 489 -10.48 -3.11 -27.95
C GLU A 489 -10.71 -4.32 -28.85
N LYS A 490 -12.00 -4.59 -29.11
CA LYS A 490 -12.40 -5.64 -30.04
C LYS A 490 -11.90 -5.29 -31.44
N ASP A 491 -11.68 -6.32 -32.26
CA ASP A 491 -11.54 -6.17 -33.70
C ASP A 491 -10.26 -5.40 -34.06
N ARG A 492 -9.20 -5.58 -33.26
CA ARG A 492 -7.89 -5.06 -33.59
C ARG A 492 -6.83 -5.87 -32.85
N ASP A 493 -5.56 -5.57 -33.14
CA ASP A 493 -4.44 -6.29 -32.54
C ASP A 493 -4.59 -6.26 -31.02
N PRO A 494 -4.38 -7.41 -30.33
CA PRO A 494 -4.46 -7.44 -28.86
C PRO A 494 -3.47 -6.55 -28.13
N GLU A 495 -2.42 -6.10 -28.83
CA GLU A 495 -1.38 -5.28 -28.23
C GLU A 495 -1.21 -3.97 -28.98
N ALA A 496 -2.26 -3.54 -29.71
CA ALA A 496 -2.21 -2.29 -30.45
C ALA A 496 -2.08 -1.10 -29.49
N GLN A 497 -2.68 -1.22 -28.30
CA GLN A 497 -2.74 -0.12 -27.34
C GLN A 497 -1.35 0.26 -26.84
N PHE A 498 -0.39 -0.67 -26.90
CA PHE A 498 0.96 -0.40 -26.44
C PHE A 498 1.80 0.28 -27.52
N GLU A 499 1.31 0.28 -28.77
CA GLU A 499 2.06 0.77 -29.91
C GLU A 499 1.45 2.09 -30.41
N MET A 500 1.05 2.96 -29.48
CA MET A 500 0.51 4.26 -29.83
C MET A 500 0.70 5.22 -28.67
N PRO A 501 1.03 6.51 -28.91
CA PRO A 501 1.23 7.47 -27.82
C PRO A 501 -0.10 7.97 -27.25
N TYR A 502 -0.02 8.50 -26.02
CA TYR A 502 -1.19 9.03 -25.33
C TYR A 502 -0.84 10.38 -24.72
N VAL A 503 -1.78 11.31 -24.79
CA VAL A 503 -1.69 12.56 -24.05
C VAL A 503 -2.27 12.31 -22.66
N VAL A 504 -1.45 12.57 -21.63
CA VAL A 504 -1.80 12.20 -20.27
C VAL A 504 -1.08 13.13 -19.30
N ARG A 505 -1.83 13.66 -18.32
CA ARG A 505 -1.25 14.37 -17.20
C ARG A 505 -0.64 13.35 -16.25
N LEU A 506 0.68 13.19 -16.34
CA LEU A 506 1.42 12.17 -15.59
C LEU A 506 1.44 12.56 -14.13
N HIS A 507 0.97 11.66 -13.25
CA HIS A 507 0.85 11.94 -11.83
C HIS A 507 1.52 10.83 -11.03
N ASN A 508 0.92 9.64 -11.02
CA ASN A 508 1.48 8.49 -10.33
C ASN A 508 2.54 7.85 -11.22
N PHE A 509 3.76 8.40 -11.19
CA PHE A 509 4.85 7.87 -12.01
C PHE A 509 6.19 8.28 -11.40
N HIS A 510 7.26 7.69 -11.95
CA HIS A 510 8.62 7.98 -11.53
C HIS A 510 9.48 8.18 -12.78
N GLN A 511 10.04 9.40 -12.93
CA GLN A 511 10.93 9.70 -14.04
C GLN A 511 12.32 9.17 -13.71
N LEU A 512 12.76 8.18 -14.50
CA LEU A 512 13.93 7.37 -14.16
C LEU A 512 15.23 8.09 -14.55
N SER A 513 15.15 8.98 -15.55
CA SER A 513 16.32 9.74 -15.99
C SER A 513 15.88 11.10 -16.51
N ALA A 514 16.84 12.02 -16.64
CA ALA A 514 16.57 13.38 -17.08
C ALA A 514 16.22 13.38 -18.57
N PRO A 515 15.24 14.21 -19.01
CA PRO A 515 14.86 14.27 -20.43
C PRO A 515 16.02 14.63 -21.36
N GLN A 516 16.03 14.03 -22.55
CA GLN A 516 17.04 14.29 -23.56
C GLN A 516 16.36 14.60 -24.89
N PRO A 517 16.96 15.47 -25.74
CA PRO A 517 16.34 15.86 -27.01
C PRO A 517 16.26 14.69 -28.00
N CYS A 518 15.10 14.55 -28.66
CA CYS A 518 14.85 13.46 -29.57
C CYS A 518 14.94 13.95 -31.02
N PHE A 519 13.98 14.78 -31.42
CA PHE A 519 13.87 15.25 -32.79
C PHE A 519 13.80 16.78 -32.80
N THR A 520 14.47 17.39 -33.78
CA THR A 520 14.50 18.84 -33.94
C THR A 520 14.12 19.20 -35.37
N PHE A 521 13.43 20.33 -35.52
CA PHE A 521 13.01 20.83 -36.83
C PHE A 521 13.22 22.34 -36.88
N SER A 522 13.72 22.83 -38.01
CA SER A 522 13.97 24.24 -38.24
C SER A 522 13.14 24.73 -39.42
N HIS A 523 12.57 25.92 -39.29
CA HIS A 523 11.78 26.54 -40.35
C HIS A 523 12.21 28.00 -40.53
N PRO A 524 12.49 28.47 -41.77
CA PRO A 524 12.42 27.63 -42.97
C PRO A 524 13.57 26.64 -43.13
N ASN A 525 13.25 25.47 -43.70
CA ASN A 525 14.21 24.40 -43.91
C ASN A 525 14.99 24.67 -45.19
N ARG A 526 16.33 24.68 -45.10
CA ARG A 526 17.18 25.04 -46.21
C ARG A 526 18.11 23.89 -46.60
N ASP A 527 17.88 22.70 -46.04
CA ASP A 527 18.66 21.52 -46.37
C ASP A 527 18.07 20.89 -47.64
N PRO A 528 18.85 20.71 -48.73
CA PRO A 528 18.33 20.10 -49.96
C PRO A 528 17.74 18.71 -49.69
N MET A 529 16.71 18.35 -50.46
CA MET A 529 15.94 17.14 -50.24
C MET A 529 15.47 17.11 -48.79
N ILE A 530 14.54 18.01 -48.46
CA ILE A 530 14.04 18.20 -47.11
C ILE A 530 13.41 16.89 -46.63
N ASP A 531 14.15 16.13 -45.82
CA ASP A 531 13.71 14.85 -45.31
C ASP A 531 13.32 15.01 -43.85
N ASN A 532 12.06 14.68 -43.53
CA ASN A 532 11.53 14.82 -42.19
C ASN A 532 11.57 13.48 -41.45
N ASN A 533 12.07 12.43 -42.13
CA ASN A 533 12.32 11.15 -41.47
C ASN A 533 13.52 11.30 -40.53
N ARG A 534 13.51 10.54 -39.43
CA ARG A 534 14.54 10.65 -38.41
C ARG A 534 14.77 9.31 -37.71
N TYR A 535 15.94 9.22 -37.06
CA TYR A 535 16.32 8.07 -36.26
C TYR A 535 17.27 8.57 -35.16
N CYS A 536 16.86 8.38 -33.90
CA CYS A 536 17.57 8.94 -32.76
C CYS A 536 17.81 7.85 -31.71
N THR A 537 19.06 7.73 -31.26
CA THR A 537 19.43 6.81 -30.18
C THR A 537 19.73 7.63 -28.93
N LEU A 538 19.06 7.28 -27.82
CA LEU A 538 19.25 7.97 -26.55
C LEU A 538 19.70 6.96 -25.50
N GLU A 539 20.69 7.36 -24.69
CA GLU A 539 21.16 6.56 -23.57
C GLU A 539 20.86 7.29 -22.28
N PHE A 540 20.04 6.66 -21.42
CA PHE A 540 19.58 7.26 -20.17
C PHE A 540 20.26 6.58 -18.99
N PRO A 541 21.19 7.27 -18.26
CA PRO A 541 21.78 6.70 -17.05
C PRO A 541 20.75 6.62 -15.93
N VAL A 542 20.50 5.41 -15.44
CA VAL A 542 19.58 5.17 -14.34
C VAL A 542 20.38 4.87 -13.08
N GLU A 543 20.01 5.54 -11.97
CA GLU A 543 20.76 5.47 -10.72
C GLU A 543 19.96 4.75 -9.65
N VAL A 544 18.89 4.06 -10.05
CA VAL A 544 18.05 3.32 -9.11
C VAL A 544 17.64 1.99 -9.76
N ASN A 545 17.12 1.08 -8.93
CA ASN A 545 16.41 -0.09 -9.43
C ASN A 545 14.98 0.33 -9.71
N THR A 546 14.34 -0.28 -10.72
CA THR A 546 13.02 0.16 -11.16
C THR A 546 12.48 -0.78 -12.23
N VAL A 547 11.28 -0.45 -12.74
CA VAL A 547 10.64 -1.17 -13.83
C VAL A 547 10.16 -0.15 -14.86
N LEU A 548 10.88 -0.07 -15.99
CA LEU A 548 10.52 0.81 -17.09
C LEU A 548 9.21 0.35 -17.72
N HIS A 549 8.26 1.28 -17.86
CA HIS A 549 6.96 0.99 -18.44
C HIS A 549 6.69 1.80 -19.70
N GLY A 550 7.50 2.83 -19.97
CA GLY A 550 7.30 3.67 -21.14
C GLY A 550 8.21 4.89 -21.13
N PHE A 551 7.93 5.85 -22.01
CA PHE A 551 8.75 7.04 -22.16
C PHE A 551 7.84 8.27 -22.22
N ALA A 552 8.01 9.17 -21.24
CA ALA A 552 7.36 10.46 -21.24
C ALA A 552 7.95 11.32 -22.35
N GLY A 553 7.09 12.02 -23.10
CA GLY A 553 7.53 12.93 -24.15
C GLY A 553 7.13 14.36 -23.82
N TYR A 554 8.06 15.29 -24.09
CA TYR A 554 7.84 16.71 -23.90
C TYR A 554 8.32 17.43 -25.16
N PHE A 555 8.30 18.77 -25.14
CA PHE A 555 8.82 19.54 -26.26
C PHE A 555 9.15 20.97 -25.82
N GLU A 556 10.07 21.58 -26.56
CA GLU A 556 10.37 23.00 -26.48
C GLU A 556 10.24 23.61 -27.87
N THR A 557 9.90 24.90 -27.94
CA THR A 557 9.84 25.59 -29.22
C THR A 557 10.40 27.00 -29.08
N VAL A 558 11.17 27.41 -30.09
CA VAL A 558 11.67 28.76 -30.23
C VAL A 558 10.73 29.50 -31.19
N LEU A 559 9.96 30.45 -30.64
CA LEU A 559 9.02 31.21 -31.46
C LEU A 559 9.80 32.18 -32.34
N TYR A 560 10.72 32.95 -31.76
CA TYR A 560 11.51 33.91 -32.52
C TYR A 560 12.98 33.83 -32.10
N GLN A 561 13.32 34.48 -30.97
CA GLN A 561 14.71 34.61 -30.55
C GLN A 561 14.88 34.05 -29.14
N ASP A 562 14.48 34.84 -28.13
CA ASP A 562 14.53 34.40 -26.75
C ASP A 562 13.12 34.10 -26.25
N ILE A 563 12.12 34.28 -27.12
CA ILE A 563 10.74 34.00 -26.79
C ILE A 563 10.47 32.53 -27.10
N THR A 564 10.19 31.75 -26.05
CA THR A 564 10.05 30.30 -26.19
C THR A 564 8.79 29.83 -25.47
N LEU A 565 8.38 28.60 -25.81
CA LEU A 565 7.38 27.85 -25.07
C LEU A 565 7.97 26.46 -24.81
N SER A 566 7.61 25.87 -23.66
CA SER A 566 8.19 24.60 -23.24
C SER A 566 7.28 23.88 -22.25
N ILE A 567 7.19 22.55 -22.39
CA ILE A 567 6.52 21.71 -21.42
C ILE A 567 7.51 20.73 -20.80
N ARG A 568 8.80 20.86 -21.13
CA ARG A 568 9.85 20.07 -20.48
C ARG A 568 9.90 20.48 -19.01
N PRO A 569 9.74 19.53 -18.05
CA PRO A 569 9.57 19.89 -16.64
C PRO A 569 10.57 20.90 -16.08
N GLU A 570 11.82 20.83 -16.55
CA GLU A 570 12.89 21.64 -15.99
C GLU A 570 12.91 23.05 -16.59
N THR A 571 12.32 23.22 -17.78
CA THR A 571 12.25 24.52 -18.42
C THR A 571 10.79 24.87 -18.75
N HIS A 572 9.85 24.36 -17.94
CA HIS A 572 8.44 24.48 -18.22
C HIS A 572 8.02 25.95 -18.15
N SER A 573 7.30 26.41 -19.16
CA SER A 573 6.73 27.75 -19.16
C SER A 573 5.72 27.86 -18.03
N PRO A 574 5.89 28.82 -17.07
CA PRO A 574 5.01 28.90 -15.90
C PRO A 574 3.61 29.41 -16.26
N GLY A 575 2.59 28.67 -15.82
CA GLY A 575 1.20 29.08 -15.97
C GLY A 575 0.52 28.39 -17.16
N MET A 576 1.30 28.05 -18.19
CA MET A 576 0.79 27.51 -19.43
C MET A 576 0.25 26.08 -19.20
N PHE A 577 -0.95 25.82 -19.73
CA PHE A 577 -1.62 24.54 -19.52
C PHE A 577 -2.33 24.10 -20.79
N SER A 578 -1.73 24.37 -21.95
CA SER A 578 -2.31 24.02 -23.23
C SER A 578 -1.90 22.60 -23.63
N TRP A 579 -0.64 22.25 -23.39
CA TRP A 579 -0.10 20.96 -23.79
C TRP A 579 0.15 20.09 -22.55
N PHE A 580 -0.43 18.88 -22.56
CA PHE A 580 -0.10 17.86 -21.57
C PHE A 580 1.03 17.00 -22.11
N PRO A 581 1.76 16.25 -21.25
CA PRO A 581 2.81 15.32 -21.70
C PRO A 581 2.25 14.18 -22.54
N ILE A 582 3.11 13.60 -23.39
CA ILE A 582 2.77 12.44 -24.19
C ILE A 582 3.46 11.22 -23.61
N LEU A 583 2.90 10.03 -23.87
CA LEU A 583 3.42 8.79 -23.31
C LEU A 583 3.55 7.75 -24.42
N PHE A 584 4.78 7.26 -24.64
CA PHE A 584 5.03 6.13 -25.52
C PHE A 584 5.22 4.88 -24.68
N PRO A 585 4.22 3.96 -24.59
CA PRO A 585 4.34 2.76 -23.76
C PRO A 585 5.24 1.71 -24.42
N ILE A 586 5.54 0.64 -23.66
CA ILE A 586 6.16 -0.56 -24.20
C ILE A 586 5.30 -1.75 -23.81
N LYS A 587 5.30 -2.78 -24.68
CA LYS A 587 4.46 -3.97 -24.52
C LYS A 587 4.73 -4.63 -23.16
N GLN A 588 6.02 -4.85 -22.88
CA GLN A 588 6.44 -5.59 -21.70
C GLN A 588 7.31 -4.70 -20.82
N PRO A 589 7.07 -4.69 -19.49
CA PRO A 589 7.94 -3.95 -18.56
C PRO A 589 9.36 -4.50 -18.58
N ILE A 590 10.33 -3.61 -18.31
CA ILE A 590 11.75 -3.97 -18.38
C ILE A 590 12.41 -3.61 -17.05
N THR A 591 13.07 -4.62 -16.46
CA THR A 591 13.82 -4.46 -15.23
C THR A 591 15.08 -3.62 -15.52
N VAL A 592 15.39 -2.68 -14.61
CA VAL A 592 16.58 -1.86 -14.70
C VAL A 592 17.24 -1.81 -13.33
N ARG A 593 18.50 -2.23 -13.27
CA ARG A 593 19.29 -2.21 -12.05
C ARG A 593 19.99 -0.85 -11.93
N GLU A 594 20.38 -0.49 -10.70
CA GLU A 594 21.06 0.78 -10.47
C GLU A 594 22.44 0.72 -11.15
N GLY A 595 22.75 1.77 -11.92
CA GLY A 595 24.01 1.85 -12.65
C GLY A 595 23.83 1.52 -14.14
N GLN A 596 22.74 0.82 -14.48
CA GLN A 596 22.49 0.42 -15.86
C GLN A 596 21.94 1.59 -16.66
N THR A 597 22.16 1.53 -17.99
CA THR A 597 21.70 2.55 -18.91
C THR A 597 20.50 2.02 -19.68
N ILE A 598 19.41 2.79 -19.70
CA ILE A 598 18.29 2.53 -20.60
C ILE A 598 18.63 3.16 -21.96
N CYS A 599 18.65 2.32 -23.01
CA CYS A 599 18.92 2.79 -24.35
C CYS A 599 17.67 2.63 -25.21
N VAL A 600 17.13 3.77 -25.68
CA VAL A 600 15.92 3.77 -26.50
C VAL A 600 16.28 4.29 -27.89
N ARG A 601 15.55 3.77 -28.89
CA ARG A 601 15.70 4.16 -30.27
C ARG A 601 14.36 4.68 -30.76
N PHE A 602 14.35 5.88 -31.36
CA PHE A 602 13.12 6.47 -31.88
C PHE A 602 13.29 6.78 -33.37
N TRP A 603 12.30 6.35 -34.16
CA TRP A 603 12.23 6.68 -35.58
C TRP A 603 11.02 7.58 -35.83
N ARG A 604 11.21 8.56 -36.72
CA ARG A 604 10.09 9.26 -37.35
C ARG A 604 10.03 8.78 -38.80
N CYS A 605 8.91 8.17 -39.18
CA CYS A 605 8.77 7.54 -40.49
C CYS A 605 7.62 8.19 -41.25
N SER A 606 7.61 7.99 -42.57
CA SER A 606 6.55 8.55 -43.40
C SER A 606 6.47 7.85 -44.75
N ASN A 607 5.29 7.93 -45.37
CA ASN A 607 5.13 7.72 -46.80
C ASN A 607 4.34 8.91 -47.33
N SER A 608 3.71 8.76 -48.51
CA SER A 608 2.99 9.84 -49.13
C SER A 608 1.66 10.11 -48.42
N LYS A 609 1.19 9.16 -47.59
CA LYS A 609 -0.12 9.24 -46.98
C LYS A 609 -0.05 9.47 -45.47
N LYS A 610 0.94 8.87 -44.79
CA LYS A 610 0.97 8.84 -43.34
C LYS A 610 2.34 9.24 -42.81
N VAL A 611 2.36 9.63 -41.52
CA VAL A 611 3.57 9.78 -40.74
C VAL A 611 3.33 9.03 -39.42
N TRP A 612 4.39 8.41 -38.88
CA TRP A 612 4.27 7.69 -37.63
C TRP A 612 5.62 7.58 -36.92
N TYR A 613 5.57 7.10 -35.67
CA TYR A 613 6.77 6.82 -34.90
C TYR A 613 6.88 5.30 -34.72
N GLU A 614 8.13 4.83 -34.73
CA GLU A 614 8.47 3.50 -34.24
C GLU A 614 9.48 3.69 -33.11
N TRP A 615 9.54 2.73 -32.18
CA TRP A 615 10.50 2.81 -31.09
C TRP A 615 10.83 1.44 -30.54
N ALA A 616 12.03 1.34 -29.95
CA ALA A 616 12.53 0.09 -29.39
C ALA A 616 13.55 0.38 -28.29
N VAL A 617 13.51 -0.42 -27.23
CA VAL A 617 14.53 -0.41 -26.18
C VAL A 617 15.59 -1.45 -26.56
N THR A 618 16.86 -1.09 -26.40
CA THR A 618 17.96 -1.96 -26.81
C THR A 618 18.84 -2.31 -25.61
N ALA A 619 18.75 -1.51 -24.54
CA ALA A 619 19.43 -1.78 -23.29
C ALA A 619 18.54 -1.37 -22.12
N PRO A 620 18.59 -2.04 -20.94
CA PRO A 620 19.51 -3.15 -20.69
C PRO A 620 19.14 -4.47 -21.36
N VAL A 621 17.86 -4.61 -21.76
CA VAL A 621 17.42 -5.72 -22.59
C VAL A 621 16.69 -5.13 -23.79
N CYS A 622 16.52 -5.96 -24.83
CA CYS A 622 15.82 -5.54 -26.03
C CYS A 622 14.31 -5.69 -25.86
N SER A 623 13.57 -4.72 -26.37
CA SER A 623 12.13 -4.85 -26.57
C SER A 623 11.87 -5.14 -28.05
N ALA A 624 10.62 -5.44 -28.39
CA ALA A 624 10.19 -5.49 -29.77
C ALA A 624 10.12 -4.05 -30.31
N ILE A 625 10.27 -3.90 -31.63
CA ILE A 625 10.06 -2.63 -32.28
C ILE A 625 8.57 -2.34 -32.27
N HIS A 626 8.20 -1.18 -31.72
CA HIS A 626 6.80 -0.83 -31.54
C HIS A 626 6.30 -0.04 -32.75
N ASN A 627 5.12 -0.43 -33.23
CA ASN A 627 4.39 0.28 -34.27
C ASN A 627 5.12 0.20 -35.61
N PRO A 628 5.62 -0.99 -36.04
CA PRO A 628 6.25 -1.12 -37.35
C PRO A 628 5.26 -0.85 -38.49
N THR A 629 5.66 0.05 -39.40
CA THR A 629 4.89 0.42 -40.57
C THR A 629 3.61 1.15 -40.15
N GLY A 630 3.61 1.72 -38.93
CA GLY A 630 2.45 2.43 -38.42
C GLY A 630 1.20 1.56 -38.36
N ARG A 631 1.39 0.26 -38.08
CA ARG A 631 0.30 -0.70 -38.09
C ARG A 631 -0.75 -0.34 -37.04
N SER A 632 -0.29 0.14 -35.87
CA SER A 632 -1.16 0.42 -34.74
C SER A 632 -1.52 1.90 -34.68
N TYR A 633 -0.63 2.77 -35.18
CA TYR A 633 -0.83 4.21 -35.06
C TYR A 633 -0.19 4.93 -36.24
N THR A 634 -1.00 5.75 -36.93
CA THR A 634 -0.51 6.65 -37.96
C THR A 634 -1.07 8.04 -37.71
N ILE A 635 -0.36 9.04 -38.26
CA ILE A 635 -0.82 10.42 -38.25
C ILE A 635 -1.10 10.79 -39.71
N GLY A 636 -2.36 11.16 -39.99
CA GLY A 636 -2.82 11.33 -41.36
C GLY A 636 -2.29 12.63 -41.98
N LEU A 637 -1.73 12.51 -43.18
CA LEU A 637 -1.31 13.66 -43.97
C LEU A 637 -2.53 14.23 -44.73
N PRO B 21 -25.43 -16.05 40.54
CA PRO B 21 -24.49 -15.96 41.63
C PRO B 21 -23.61 -14.71 41.60
N ASN B 22 -24.25 -13.55 41.40
CA ASN B 22 -23.57 -12.27 41.31
C ASN B 22 -22.51 -12.33 40.20
N ALA B 23 -22.94 -12.67 38.98
CA ALA B 23 -22.05 -12.88 37.86
C ALA B 23 -22.86 -12.86 36.56
N PRO B 24 -22.21 -12.92 35.36
CA PRO B 24 -22.94 -12.96 34.10
C PRO B 24 -23.88 -14.16 34.00
N ALA B 25 -24.90 -14.03 33.13
CA ALA B 25 -25.96 -15.01 33.02
C ALA B 25 -25.49 -16.26 32.25
N CYS B 26 -24.56 -16.06 31.32
CA CYS B 26 -24.06 -17.15 30.49
C CYS B 26 -22.61 -16.89 30.07
N MET B 27 -21.76 -17.93 30.18
CA MET B 27 -20.37 -17.83 29.80
C MET B 27 -20.23 -18.21 28.32
N GLU B 28 -19.05 -17.92 27.76
CA GLU B 28 -18.82 -18.05 26.32
C GLU B 28 -18.37 -19.46 25.98
N ARG B 29 -18.58 -19.84 24.72
CA ARG B 29 -18.39 -21.21 24.24
C ARG B 29 -16.93 -21.64 24.35
N GLN B 30 -16.03 -20.83 23.78
CA GLN B 30 -14.63 -21.21 23.64
C GLN B 30 -13.89 -20.97 24.95
N LEU B 31 -13.57 -22.06 25.66
CA LEU B 31 -12.80 -22.01 26.89
C LEU B 31 -11.32 -21.93 26.54
N GLU B 32 -10.63 -20.90 27.04
CA GLU B 32 -9.27 -20.59 26.61
C GLU B 32 -8.24 -21.09 27.62
N ALA B 33 -8.54 -20.98 28.92
CA ALA B 33 -7.56 -21.32 29.94
C ALA B 33 -8.24 -21.92 31.18
N ALA B 34 -7.47 -22.74 31.90
CA ALA B 34 -7.88 -23.33 33.17
C ALA B 34 -6.66 -23.49 34.07
N ARG B 35 -6.73 -22.92 35.29
CA ARG B 35 -5.61 -22.93 36.21
C ARG B 35 -6.11 -23.28 37.62
N TYR B 36 -5.34 -24.12 38.32
CA TYR B 36 -5.57 -24.42 39.74
C TYR B 36 -4.64 -23.55 40.58
N ARG B 37 -5.14 -23.09 41.74
CA ARG B 37 -4.33 -22.36 42.70
C ARG B 37 -3.97 -23.31 43.85
N SER B 38 -3.42 -22.74 44.93
CA SER B 38 -2.87 -23.51 46.04
C SER B 38 -3.89 -24.52 46.57
N ASP B 39 -5.05 -24.01 47.01
CA ASP B 39 -6.03 -24.83 47.71
C ASP B 39 -6.65 -25.85 46.76
N GLY B 40 -6.94 -25.42 45.53
CA GLY B 40 -7.51 -26.29 44.50
C GLY B 40 -8.79 -25.72 43.89
N ALA B 41 -8.87 -24.38 43.80
CA ALA B 41 -9.98 -23.70 43.16
C ALA B 41 -9.64 -23.49 41.69
N LEU B 42 -10.56 -23.91 40.80
CA LEU B 42 -10.29 -23.91 39.37
C LEU B 42 -10.68 -22.57 38.76
N LEU B 43 -9.69 -21.88 38.17
CA LEU B 43 -9.88 -20.62 37.48
C LEU B 43 -10.16 -20.91 36.01
N LEU B 44 -11.17 -20.22 35.45
CA LEU B 44 -11.55 -20.41 34.06
C LEU B 44 -11.57 -19.06 33.34
N GLY B 45 -10.93 -19.02 32.16
CA GLY B 45 -11.09 -17.95 31.20
C GLY B 45 -11.79 -18.48 29.95
N ALA B 46 -12.60 -17.61 29.32
CA ALA B 46 -13.37 -18.00 28.16
C ALA B 46 -13.59 -16.79 27.24
N SER B 47 -13.72 -17.07 25.95
CA SER B 47 -13.96 -16.05 24.93
C SER B 47 -15.07 -16.51 24.00
N SER B 48 -15.86 -15.55 23.51
CA SER B 48 -16.74 -15.78 22.37
C SER B 48 -16.00 -15.41 21.09
N LEU B 49 -15.64 -16.43 20.32
CA LEU B 49 -14.91 -16.25 19.07
C LEU B 49 -15.88 -16.34 17.89
N SER B 50 -17.19 -16.34 18.19
CA SER B 50 -18.24 -16.42 17.18
C SER B 50 -19.49 -15.72 17.70
N GLY B 51 -20.37 -15.36 16.76
CA GLY B 51 -21.65 -14.74 17.10
C GLY B 51 -21.53 -13.22 17.18
N ARG B 52 -22.63 -12.59 17.61
CA ARG B 52 -22.78 -11.14 17.63
C ARG B 52 -21.64 -10.48 18.40
N CYS B 53 -21.45 -10.91 19.65
CA CYS B 53 -20.53 -10.26 20.57
C CYS B 53 -19.28 -11.10 20.77
N TRP B 54 -18.12 -10.48 20.57
CA TRP B 54 -16.83 -11.12 20.76
C TRP B 54 -16.15 -10.56 22.01
N ALA B 55 -16.63 -10.99 23.18
CA ALA B 55 -16.08 -10.56 24.46
C ALA B 55 -15.48 -11.77 25.19
N GLY B 56 -15.04 -11.54 26.43
CA GLY B 56 -14.50 -12.60 27.26
C GLY B 56 -15.05 -12.55 28.68
N SER B 57 -14.62 -13.48 29.52
CA SER B 57 -15.08 -13.56 30.90
C SER B 57 -14.08 -14.34 31.75
N LEU B 58 -14.21 -14.18 33.07
CA LEU B 58 -13.40 -14.90 34.05
C LEU B 58 -14.34 -15.57 35.05
N TRP B 59 -13.96 -16.77 35.50
CA TRP B 59 -14.80 -17.57 36.39
C TRP B 59 -13.95 -18.28 37.44
N LEU B 60 -14.56 -18.55 38.60
CA LEU B 60 -13.90 -19.30 39.67
C LEU B 60 -14.80 -20.46 40.08
N PHE B 61 -14.18 -21.61 40.36
CA PHE B 61 -14.90 -22.82 40.76
C PHE B 61 -14.20 -23.44 41.97
N LYS B 62 -14.75 -23.19 43.16
CA LYS B 62 -14.31 -23.85 44.39
C LYS B 62 -14.67 -25.33 44.32
N ASP B 63 -15.71 -25.65 43.53
CA ASP B 63 -16.03 -27.02 43.17
C ASP B 63 -15.59 -27.26 41.72
N PRO B 64 -14.45 -27.96 41.49
CA PRO B 64 -13.95 -28.19 40.12
C PRO B 64 -14.89 -28.99 39.22
N CYS B 65 -15.67 -29.90 39.84
CA CYS B 65 -16.54 -30.80 39.11
C CYS B 65 -17.80 -30.09 38.61
N ALA B 66 -18.11 -28.91 39.18
CA ALA B 66 -19.31 -28.18 38.83
C ALA B 66 -19.13 -27.45 37.50
N ALA B 67 -17.88 -27.38 37.01
CA ALA B 67 -17.55 -26.64 35.80
C ALA B 67 -18.10 -27.36 34.57
N PRO B 68 -18.53 -26.63 33.50
CA PRO B 68 -18.56 -25.17 33.47
C PRO B 68 -19.94 -24.54 33.62
N ASN B 69 -20.69 -24.97 34.64
CA ASN B 69 -22.04 -24.50 34.89
C ASN B 69 -21.99 -23.16 35.63
N GLU B 70 -22.74 -22.17 35.12
CA GLU B 70 -22.65 -20.80 35.61
C GLU B 70 -23.50 -20.62 36.87
N GLY B 71 -24.43 -21.55 37.11
CA GLY B 71 -25.32 -21.48 38.26
C GLY B 71 -24.62 -21.90 39.56
N PHE B 72 -23.45 -22.53 39.44
CA PHE B 72 -22.71 -23.04 40.58
C PHE B 72 -21.26 -22.56 40.52
N CYS B 73 -21.07 -21.25 40.64
CA CYS B 73 -19.74 -20.66 40.62
C CYS B 73 -19.55 -19.75 41.84
N SER B 74 -18.30 -19.69 42.31
CA SER B 74 -17.91 -18.84 43.42
C SER B 74 -17.86 -17.38 42.95
N ALA B 75 -17.20 -17.16 41.81
CA ALA B 75 -17.04 -15.83 41.25
C ALA B 75 -17.18 -15.89 39.73
N GLY B 76 -17.48 -14.72 39.13
CA GLY B 76 -17.60 -14.59 37.69
C GLY B 76 -17.74 -13.12 37.28
N VAL B 77 -17.12 -12.76 36.15
CA VAL B 77 -17.15 -11.39 35.68
C VAL B 77 -17.04 -11.36 34.15
N GLN B 78 -17.63 -10.33 33.54
CA GLN B 78 -17.61 -10.12 32.10
C GLN B 78 -16.55 -9.06 31.78
N THR B 79 -15.64 -9.39 30.86
CA THR B 79 -14.58 -8.48 30.45
C THR B 79 -14.98 -7.80 29.14
N GLU B 80 -14.28 -6.70 28.82
CA GLU B 80 -14.61 -5.86 27.67
C GLU B 80 -14.39 -6.64 26.37
N ALA B 81 -13.27 -7.38 26.30
CA ALA B 81 -12.88 -8.08 25.09
C ALA B 81 -12.52 -9.53 25.44
N GLY B 82 -12.13 -10.30 24.41
CA GLY B 82 -11.82 -11.71 24.58
C GLY B 82 -10.60 -11.93 25.46
N VAL B 83 -10.49 -13.15 26.01
CA VAL B 83 -9.39 -13.54 26.87
C VAL B 83 -8.48 -14.49 26.09
N ALA B 84 -7.31 -14.00 25.70
CA ALA B 84 -6.36 -14.77 24.91
C ALA B 84 -5.53 -15.68 25.82
N ASP B 85 -5.14 -15.16 27.00
CA ASP B 85 -4.35 -15.93 27.94
C ASP B 85 -4.46 -15.31 29.34
N LEU B 86 -4.31 -16.15 30.37
CA LEU B 86 -4.30 -15.71 31.75
C LEU B 86 -3.38 -16.61 32.57
N THR B 87 -3.16 -16.22 33.83
CA THR B 87 -2.47 -17.05 34.81
C THR B 87 -2.70 -16.47 36.21
N TRP B 88 -2.51 -17.32 37.22
CA TRP B 88 -2.74 -16.94 38.61
C TRP B 88 -1.65 -15.99 39.09
N VAL B 89 -2.07 -14.87 39.71
CA VAL B 89 -1.17 -14.00 40.44
C VAL B 89 -1.26 -14.37 41.91
N GLY B 90 -0.71 -15.55 42.24
CA GLY B 90 -0.76 -16.07 43.60
C GLY B 90 -2.13 -16.64 43.94
N GLU B 91 -2.88 -15.92 44.79
CA GLU B 91 -4.13 -16.41 45.34
C GLU B 91 -5.30 -15.54 44.89
N ARG B 92 -5.13 -14.21 44.98
CA ARG B 92 -6.22 -13.27 44.75
C ARG B 92 -6.23 -12.78 43.30
N GLY B 93 -5.05 -12.43 42.78
CA GLY B 93 -4.95 -11.69 41.53
C GLY B 93 -5.03 -12.58 40.29
N ILE B 94 -5.59 -12.03 39.21
CA ILE B 94 -5.69 -12.70 37.92
C ILE B 94 -5.27 -11.71 36.84
N LEU B 95 -4.22 -12.04 36.08
CA LEU B 95 -3.70 -11.18 35.03
C LEU B 95 -4.15 -11.70 33.67
N VAL B 96 -4.64 -10.79 32.82
CA VAL B 96 -5.33 -11.16 31.59
C VAL B 96 -4.54 -10.62 30.39
N ALA B 97 -4.53 -11.41 29.31
CA ALA B 97 -4.03 -10.97 28.01
C ALA B 97 -5.22 -10.75 27.08
N SER B 98 -5.57 -9.48 26.85
CA SER B 98 -6.79 -9.12 26.14
C SER B 98 -6.52 -8.91 24.65
N ASP B 99 -7.58 -9.00 23.85
CA ASP B 99 -7.52 -8.75 22.42
C ASP B 99 -7.42 -7.26 22.14
N SER B 100 -7.89 -6.44 23.10
CA SER B 100 -7.94 -5.00 22.95
C SER B 100 -6.54 -4.39 22.83
N GLY B 101 -5.52 -5.14 23.27
CA GLY B 101 -4.17 -4.62 23.37
C GLY B 101 -3.82 -4.28 24.82
N ALA B 102 -4.81 -4.44 25.71
CA ALA B 102 -4.62 -4.19 27.13
C ALA B 102 -4.21 -5.47 27.84
N VAL B 103 -3.35 -5.33 28.86
CA VAL B 103 -3.09 -6.38 29.81
C VAL B 103 -3.86 -6.03 31.08
N GLU B 104 -4.89 -6.82 31.39
CA GLU B 104 -5.81 -6.50 32.47
C GLU B 104 -5.38 -7.23 33.74
N LEU B 105 -5.55 -6.57 34.89
CA LEU B 105 -5.36 -7.20 36.19
C LEU B 105 -6.66 -7.10 36.97
N TRP B 106 -7.13 -8.26 37.45
CA TRP B 106 -8.31 -8.35 38.30
C TRP B 106 -7.91 -8.95 39.64
N GLU B 107 -8.61 -8.53 40.71
CA GLU B 107 -8.34 -9.04 42.05
C GLU B 107 -9.64 -9.54 42.67
N LEU B 108 -9.60 -10.74 43.24
CA LEU B 108 -10.69 -11.28 44.04
C LEU B 108 -10.85 -10.42 45.29
N ASP B 109 -12.10 -10.23 45.73
CA ASP B 109 -12.39 -9.52 46.96
C ASP B 109 -12.10 -10.46 48.14
N GLU B 110 -12.23 -9.92 49.36
CA GLU B 110 -11.89 -10.65 50.57
C GLU B 110 -12.82 -11.85 50.76
N ASN B 111 -14.08 -11.71 50.35
CA ASN B 111 -15.05 -12.80 50.42
C ASN B 111 -14.83 -13.78 49.27
N GLU B 112 -14.21 -13.30 48.18
CA GLU B 112 -13.94 -14.11 46.99
C GLU B 112 -15.25 -14.48 46.32
N THR B 113 -16.12 -13.49 46.13
CA THR B 113 -17.38 -13.66 45.43
C THR B 113 -17.43 -12.76 44.20
N LEU B 114 -16.85 -11.56 44.30
CA LEU B 114 -16.76 -10.62 43.19
C LEU B 114 -15.35 -10.64 42.60
N ILE B 115 -15.21 -10.00 41.41
CA ILE B 115 -13.92 -9.80 40.77
C ILE B 115 -13.88 -8.37 40.23
N VAL B 116 -13.15 -7.49 40.92
CA VAL B 116 -13.06 -6.08 40.54
C VAL B 116 -11.77 -5.88 39.73
N SER B 117 -11.84 -4.97 38.75
CA SER B 117 -10.72 -4.68 37.87
C SER B 117 -9.71 -3.80 38.62
N LYS B 118 -8.49 -4.33 38.79
CA LYS B 118 -7.41 -3.58 39.42
C LYS B 118 -6.85 -2.57 38.42
N PHE B 119 -6.33 -3.07 37.29
CA PHE B 119 -5.84 -2.20 36.24
C PHE B 119 -6.07 -2.87 34.88
N CYS B 120 -6.03 -2.04 33.82
CA CYS B 120 -6.20 -2.49 32.46
C CYS B 120 -5.53 -1.50 31.52
N LYS B 121 -4.28 -1.79 31.13
CA LYS B 121 -3.44 -0.83 30.43
C LYS B 121 -3.32 -1.20 28.96
N TYR B 122 -3.85 -0.32 28.09
CA TYR B 122 -3.75 -0.45 26.65
C TYR B 122 -2.38 0.04 26.20
N GLU B 123 -1.42 -0.88 26.09
CA GLU B 123 -0.06 -0.52 25.70
C GLU B 123 0.34 -1.25 24.42
N HIS B 124 -0.07 -2.51 24.26
CA HIS B 124 0.15 -3.24 23.02
C HIS B 124 -0.73 -2.65 21.91
N ASP B 125 -0.21 -2.68 20.68
CA ASP B 125 -0.91 -2.12 19.52
C ASP B 125 -1.71 -3.21 18.80
N ASP B 126 -1.66 -4.45 19.33
CA ASP B 126 -2.41 -5.55 18.76
C ASP B 126 -2.75 -6.53 19.88
N ILE B 127 -3.50 -7.59 19.54
CA ILE B 127 -3.92 -8.62 20.47
C ILE B 127 -2.74 -9.05 21.34
N VAL B 128 -2.95 -9.07 22.66
CA VAL B 128 -2.00 -9.63 23.60
C VAL B 128 -2.29 -11.13 23.68
N SER B 129 -1.35 -11.97 23.24
CA SER B 129 -1.62 -13.37 23.00
C SER B 129 -1.08 -14.26 24.13
N THR B 130 -0.06 -13.79 24.85
CA THR B 130 0.56 -14.59 25.91
C THR B 130 1.02 -13.69 27.05
N VAL B 131 0.94 -14.22 28.28
CA VAL B 131 1.35 -13.50 29.47
C VAL B 131 1.89 -14.49 30.50
N SER B 132 2.83 -14.03 31.33
CA SER B 132 3.45 -14.88 32.34
C SER B 132 4.00 -14.01 33.47
N VAL B 133 3.81 -14.49 34.72
CA VAL B 133 4.22 -13.77 35.92
C VAL B 133 5.61 -14.26 36.32
N LEU B 134 6.51 -13.31 36.62
CA LEU B 134 7.89 -13.61 36.96
C LEU B 134 7.98 -14.02 38.44
N SER B 135 9.17 -14.45 38.86
CA SER B 135 9.39 -15.06 40.16
C SER B 135 8.93 -14.16 41.30
N SER B 136 9.25 -12.86 41.21
CA SER B 136 9.02 -11.93 42.31
C SER B 136 7.53 -11.86 42.66
N GLY B 137 6.66 -11.89 41.64
CA GLY B 137 5.22 -11.83 41.83
C GLY B 137 4.71 -10.40 41.73
N THR B 138 5.62 -9.43 41.61
CA THR B 138 5.27 -8.03 41.41
C THR B 138 5.53 -7.63 39.95
N GLN B 139 5.94 -8.61 39.13
CA GLN B 139 6.32 -8.36 37.75
C GLN B 139 5.76 -9.45 36.85
N ALA B 140 5.56 -9.10 35.58
CA ALA B 140 5.06 -10.02 34.57
C ALA B 140 5.58 -9.60 33.19
N VAL B 141 5.52 -10.52 32.23
CA VAL B 141 5.95 -10.27 30.87
C VAL B 141 4.85 -10.70 29.92
N SER B 142 4.56 -9.85 28.91
CA SER B 142 3.51 -10.10 27.94
C SER B 142 4.09 -10.14 26.54
N GLY B 143 3.46 -10.95 25.68
CA GLY B 143 3.80 -11.03 24.26
C GLY B 143 2.57 -10.79 23.40
N SER B 144 2.74 -10.04 22.31
CA SER B 144 1.62 -9.56 21.51
C SER B 144 1.91 -9.77 20.02
N LYS B 145 0.85 -9.63 19.21
CA LYS B 145 0.91 -9.83 17.77
C LYS B 145 1.59 -8.64 17.10
N ASP B 146 1.80 -7.55 17.85
CA ASP B 146 2.54 -6.40 17.35
C ASP B 146 4.05 -6.65 17.46
N ILE B 147 4.44 -7.90 17.72
CA ILE B 147 5.82 -8.37 17.64
C ILE B 147 6.62 -7.82 18.83
N CYS B 148 5.93 -7.40 19.90
CA CYS B 148 6.58 -6.76 21.03
C CYS B 148 6.52 -7.66 22.26
N ILE B 149 7.46 -7.42 23.19
CA ILE B 149 7.47 -8.05 24.50
C ILE B 149 7.71 -6.94 25.53
N LYS B 150 6.82 -6.86 26.52
CA LYS B 150 6.83 -5.78 27.50
C LYS B 150 6.97 -6.35 28.90
N VAL B 151 7.75 -5.64 29.74
CA VAL B 151 7.93 -5.99 31.14
C VAL B 151 7.11 -5.02 32.00
N TRP B 152 6.29 -5.58 32.89
CA TRP B 152 5.34 -4.81 33.68
C TRP B 152 5.75 -4.79 35.16
N ASP B 153 5.31 -3.75 35.86
CA ASP B 153 5.29 -3.74 37.32
C ASP B 153 3.83 -3.71 37.76
N LEU B 154 3.42 -4.73 38.51
CA LEU B 154 2.03 -4.92 38.89
C LEU B 154 1.66 -3.97 40.04
N ALA B 155 2.67 -3.43 40.72
CA ALA B 155 2.46 -2.50 41.83
C ALA B 155 2.21 -1.09 41.30
N GLN B 156 3.18 -0.55 40.55
CA GLN B 156 3.08 0.81 40.02
C GLN B 156 2.17 0.85 38.80
N GLN B 157 1.89 -0.31 38.19
CA GLN B 157 0.98 -0.43 37.07
C GLN B 157 1.51 0.36 35.88
N VAL B 158 2.74 0.04 35.47
CA VAL B 158 3.38 0.70 34.33
C VAL B 158 4.29 -0.31 33.63
N VAL B 159 4.67 0.03 32.39
CA VAL B 159 5.59 -0.78 31.61
C VAL B 159 7.02 -0.34 31.93
N LEU B 160 7.84 -1.29 32.40
CA LEU B 160 9.23 -1.01 32.75
C LEU B 160 10.06 -0.91 31.46
N SER B 161 9.94 -1.94 30.60
CA SER B 161 10.70 -2.01 29.37
C SER B 161 9.80 -2.49 28.22
N SER B 162 10.19 -2.14 26.99
CA SER B 162 9.52 -2.59 25.78
C SER B 162 10.56 -3.09 24.78
N TYR B 163 10.36 -4.32 24.28
CA TYR B 163 11.36 -4.99 23.46
C TYR B 163 10.74 -5.46 22.14
N ARG B 164 11.25 -4.93 21.03
CA ARG B 164 10.97 -5.46 19.71
C ARG B 164 12.18 -6.27 19.24
N ALA B 165 12.25 -7.54 19.67
CA ALA B 165 13.36 -8.42 19.36
C ALA B 165 12.99 -9.35 18.20
N HIS B 166 11.73 -9.85 18.20
CA HIS B 166 11.25 -10.74 17.16
C HIS B 166 10.90 -9.95 15.91
N ALA B 167 10.62 -10.68 14.82
CA ALA B 167 10.24 -10.09 13.54
C ALA B 167 8.85 -10.55 13.11
N ALA B 168 8.13 -11.23 14.02
CA ALA B 168 6.78 -11.69 13.74
C ALA B 168 6.04 -11.88 15.07
N GLN B 169 4.74 -12.21 14.96
CA GLN B 169 3.88 -12.36 16.12
C GLN B 169 4.56 -13.21 17.19
N VAL B 170 4.53 -12.72 18.44
CA VAL B 170 5.03 -13.47 19.58
C VAL B 170 3.94 -14.46 19.99
N THR B 171 4.32 -15.75 20.07
CA THR B 171 3.36 -16.82 20.28
C THR B 171 3.23 -17.12 21.77
N CYS B 172 4.37 -17.37 22.42
CA CYS B 172 4.40 -17.80 23.81
C CYS B 172 5.54 -17.13 24.55
N VAL B 173 5.27 -16.72 25.80
CA VAL B 173 6.30 -16.26 26.73
C VAL B 173 6.14 -17.07 28.03
N ALA B 174 7.28 -17.44 28.64
CA ALA B 174 7.27 -18.25 29.84
C ALA B 174 8.39 -17.80 30.78
N ALA B 175 7.98 -17.30 31.97
CA ALA B 175 8.92 -16.83 32.97
C ALA B 175 9.66 -18.01 33.59
N SER B 176 10.95 -17.80 33.91
CA SER B 176 11.72 -18.78 34.65
C SER B 176 11.08 -18.96 36.03
N PRO B 177 10.91 -20.21 36.52
CA PRO B 177 10.24 -20.45 37.80
C PRO B 177 10.92 -19.78 38.99
N HIS B 178 12.26 -19.74 39.00
CA HIS B 178 13.01 -19.35 40.18
C HIS B 178 13.95 -18.17 39.91
N LYS B 179 13.96 -17.64 38.69
CA LYS B 179 14.81 -16.52 38.34
C LYS B 179 13.94 -15.37 37.83
N ASP B 180 14.04 -14.21 38.48
CA ASP B 180 13.13 -13.10 38.26
C ASP B 180 13.43 -12.40 36.92
N SER B 181 14.72 -12.37 36.54
CA SER B 181 15.15 -11.60 35.39
C SER B 181 15.08 -12.42 34.11
N VAL B 182 14.89 -13.74 34.24
CA VAL B 182 15.01 -14.66 33.11
C VAL B 182 13.61 -15.08 32.65
N PHE B 183 13.43 -15.17 31.32
CA PHE B 183 12.21 -15.71 30.73
C PHE B 183 12.49 -16.14 29.29
N LEU B 184 11.65 -17.06 28.79
CA LEU B 184 11.72 -17.52 27.42
C LEU B 184 10.68 -16.77 26.58
N SER B 185 10.88 -16.79 25.26
CA SER B 185 9.87 -16.31 24.32
C SER B 185 10.07 -17.01 22.98
N CYS B 186 8.97 -17.22 22.26
CA CYS B 186 9.01 -17.82 20.93
C CYS B 186 8.01 -17.11 20.03
N SER B 187 8.31 -17.10 18.72
CA SER B 187 7.56 -16.31 17.75
C SER B 187 7.51 -17.01 16.40
N GLU B 188 6.71 -16.45 15.49
CA GLU B 188 6.51 -17.03 14.17
C GLU B 188 7.71 -16.74 13.25
N ASP B 189 8.66 -15.92 13.73
CA ASP B 189 9.90 -15.69 13.02
C ASP B 189 10.87 -16.85 13.22
N ASN B 190 10.41 -17.93 13.86
CA ASN B 190 11.16 -19.15 14.05
C ASN B 190 12.34 -18.87 14.99
N ARG B 191 12.08 -18.12 16.06
CA ARG B 191 13.08 -17.81 17.06
C ARG B 191 12.59 -18.22 18.44
N ILE B 192 13.48 -18.87 19.20
CA ILE B 192 13.29 -19.08 20.63
C ILE B 192 14.35 -18.24 21.36
N LEU B 193 13.90 -17.13 21.98
CA LEU B 193 14.79 -16.22 22.67
C LEU B 193 14.78 -16.53 24.17
N LEU B 194 15.98 -16.74 24.73
CA LEU B 194 16.18 -16.83 26.16
C LEU B 194 16.68 -15.48 26.67
N TRP B 195 15.95 -14.90 27.65
CA TRP B 195 16.20 -13.53 28.07
C TRP B 195 16.90 -13.49 29.43
N ASP B 196 17.43 -12.31 29.74
CA ASP B 196 18.02 -12.00 31.03
C ASP B 196 18.21 -10.49 31.09
N THR B 197 17.33 -9.80 31.83
CA THR B 197 17.24 -8.35 31.76
C THR B 197 18.48 -7.68 32.34
N ARG B 198 19.37 -8.47 32.96
CA ARG B 198 20.60 -7.94 33.55
C ARG B 198 21.62 -7.61 32.45
N CYS B 199 21.50 -8.25 31.28
CA CYS B 199 22.43 -8.03 30.19
C CYS B 199 22.02 -6.80 29.38
N PRO B 200 22.98 -6.05 28.79
CA PRO B 200 22.66 -4.94 27.88
C PRO B 200 21.81 -5.37 26.70
N LYS B 201 22.24 -6.45 26.03
CA LYS B 201 21.45 -7.14 25.03
C LYS B 201 20.82 -8.36 25.71
N PRO B 202 19.57 -8.24 26.23
CA PRO B 202 18.99 -9.28 27.09
C PRO B 202 18.67 -10.60 26.39
N ALA B 203 18.26 -10.53 25.11
CA ALA B 203 17.81 -11.70 24.38
C ALA B 203 19.00 -12.53 23.92
N SER B 204 18.80 -13.85 23.86
CA SER B 204 19.78 -14.79 23.35
C SER B 204 19.06 -15.91 22.60
N GLN B 205 19.44 -16.10 21.33
CA GLN B 205 18.73 -17.01 20.44
C GLN B 205 19.31 -18.42 20.56
N ILE B 206 18.43 -19.38 20.86
CA ILE B 206 18.82 -20.78 20.96
C ILE B 206 18.70 -21.43 19.59
N GLY B 207 19.70 -22.24 19.23
CA GLY B 207 19.71 -22.95 17.96
C GLY B 207 19.16 -24.36 18.11
N GLY B 212 13.50 -25.51 12.57
CA GLY B 212 12.88 -25.83 11.27
C GLY B 212 11.42 -25.40 11.23
N TYR B 213 10.61 -25.97 12.15
CA TYR B 213 9.21 -25.64 12.27
C TYR B 213 9.02 -24.64 13.41
N LEU B 214 8.01 -23.78 13.27
CA LEU B 214 7.82 -22.64 14.16
C LEU B 214 7.48 -23.13 15.57
N PRO B 215 8.05 -22.50 16.62
CA PRO B 215 7.69 -22.83 18.01
C PRO B 215 6.37 -22.17 18.42
N THR B 216 5.54 -22.92 19.15
CA THR B 216 4.19 -22.48 19.49
C THR B 216 3.96 -22.46 21.00
N SER B 217 4.73 -23.26 21.76
CA SER B 217 4.52 -23.39 23.20
C SER B 217 5.85 -23.61 23.91
N LEU B 218 5.93 -23.10 25.14
CA LEU B 218 7.14 -23.20 25.97
C LEU B 218 6.75 -23.67 27.37
N ALA B 219 7.66 -24.41 28.02
CA ALA B 219 7.46 -24.82 29.40
C ALA B 219 8.81 -25.07 30.05
N TRP B 220 9.12 -24.28 31.09
CA TRP B 220 10.29 -24.50 31.94
C TRP B 220 10.12 -25.81 32.72
N HIS B 221 11.24 -26.48 33.01
CA HIS B 221 11.24 -27.63 33.88
C HIS B 221 11.14 -27.14 35.32
N PRO B 222 10.25 -27.73 36.16
CA PRO B 222 10.01 -27.22 37.51
C PRO B 222 11.15 -27.44 38.50
N GLN B 223 11.96 -28.49 38.27
CA GLN B 223 13.01 -28.88 39.20
C GLN B 223 14.40 -28.56 38.66
N GLN B 224 14.49 -28.15 37.38
CA GLN B 224 15.75 -27.83 36.75
C GLN B 224 15.67 -26.44 36.13
N SER B 225 16.55 -25.55 36.57
CA SER B 225 16.50 -24.14 36.20
C SER B 225 17.03 -23.93 34.77
N GLU B 226 17.78 -24.92 34.25
CA GLU B 226 18.45 -24.78 32.96
C GLU B 226 17.71 -25.56 31.87
N VAL B 227 16.64 -26.28 32.22
CA VAL B 227 15.95 -27.15 31.27
C VAL B 227 14.60 -26.54 30.93
N PHE B 228 14.19 -26.72 29.67
CA PHE B 228 12.86 -26.34 29.20
C PHE B 228 12.46 -27.22 28.03
N VAL B 229 11.16 -27.28 27.76
CA VAL B 229 10.61 -28.01 26.62
C VAL B 229 9.84 -27.02 25.75
N PHE B 230 9.76 -27.30 24.44
CA PHE B 230 9.00 -26.47 23.53
C PHE B 230 8.26 -27.35 22.53
N GLY B 231 7.01 -26.97 22.25
CA GLY B 231 6.20 -27.60 21.21
C GLY B 231 6.14 -26.72 19.96
N ASP B 232 6.05 -27.35 18.79
CA ASP B 232 6.13 -26.64 17.53
C ASP B 232 4.78 -26.74 16.81
N GLU B 233 4.71 -26.14 15.61
CA GLU B 233 3.49 -26.12 14.81
C GLU B 233 3.24 -27.48 14.16
N ASN B 234 4.29 -28.30 14.04
CA ASN B 234 4.21 -29.57 13.33
C ASN B 234 3.79 -30.69 14.29
N GLY B 235 3.76 -30.40 15.60
CA GLY B 235 3.24 -31.32 16.59
C GLY B 235 4.33 -31.99 17.41
N THR B 236 5.59 -31.71 17.08
CA THR B 236 6.73 -32.30 17.78
C THR B 236 6.90 -31.61 19.13
N VAL B 237 7.13 -32.42 20.17
CA VAL B 237 7.50 -31.93 21.49
C VAL B 237 8.99 -32.17 21.69
N SER B 238 9.72 -31.12 22.04
CA SER B 238 11.17 -31.18 22.13
C SER B 238 11.64 -30.92 23.57
N LEU B 239 12.80 -31.48 23.90
CA LEU B 239 13.42 -31.36 25.20
C LEU B 239 14.79 -30.70 25.04
N VAL B 240 14.97 -29.52 25.63
CA VAL B 240 16.16 -28.72 25.39
C VAL B 240 16.85 -28.42 26.73
N ASP B 241 18.18 -28.59 26.74
CA ASP B 241 19.03 -28.09 27.81
C ASP B 241 19.62 -26.76 27.36
N THR B 242 19.81 -25.84 28.31
CA THR B 242 20.30 -24.50 28.01
C THR B 242 21.75 -24.57 27.53
N LYS B 243 22.59 -25.29 28.29
CA LYS B 243 24.01 -25.39 27.99
C LYS B 243 24.20 -25.98 26.58
N SER B 244 23.56 -27.13 26.32
CA SER B 244 23.65 -27.80 25.04
C SER B 244 22.33 -27.64 24.28
N CYS B 247 22.63 -30.59 20.86
CA CYS B 247 22.11 -31.85 21.45
C CYS B 247 20.74 -31.60 22.08
N VAL B 248 19.70 -32.18 21.44
CA VAL B 248 18.34 -32.07 21.94
C VAL B 248 17.61 -33.38 21.65
N LEU B 249 16.55 -33.64 22.44
CA LEU B 249 15.69 -34.81 22.27
C LEU B 249 14.28 -34.34 21.91
N SER B 250 13.55 -35.17 21.16
CA SER B 250 12.22 -34.80 20.69
C SER B 250 11.40 -36.04 20.36
N SER B 251 10.09 -35.84 20.18
CA SER B 251 9.16 -36.91 19.82
C SER B 251 7.93 -36.32 19.13
N ALA B 252 7.42 -37.05 18.14
CA ALA B 252 6.24 -36.65 17.39
C ALA B 252 4.99 -37.09 18.14
N VAL B 253 4.50 -36.21 19.03
CA VAL B 253 3.43 -36.54 19.96
C VAL B 253 2.08 -36.30 19.29
N HIS B 254 1.92 -35.12 18.68
CA HIS B 254 0.65 -34.73 18.08
C HIS B 254 0.79 -34.67 16.55
N SER B 255 -0.36 -34.71 15.88
CA SER B 255 -0.44 -34.61 14.42
C SER B 255 -0.56 -33.14 13.98
N GLN B 256 -0.95 -32.26 14.93
CA GLN B 256 -1.12 -30.85 14.66
C GLN B 256 -0.39 -30.02 15.70
N CYS B 257 -0.45 -28.69 15.53
CA CYS B 257 0.25 -27.72 16.36
C CYS B 257 0.08 -27.99 17.85
N VAL B 258 1.14 -27.74 18.61
CA VAL B 258 1.14 -27.88 20.06
C VAL B 258 0.74 -26.53 20.68
N THR B 259 -0.35 -26.53 21.45
CA THR B 259 -0.93 -25.31 21.98
C THR B 259 -0.28 -24.95 23.32
N GLY B 260 0.01 -25.97 24.15
CA GLY B 260 0.53 -25.74 25.49
C GLY B 260 1.24 -26.97 26.06
N LEU B 261 2.13 -26.71 27.02
CA LEU B 261 2.87 -27.75 27.73
C LEU B 261 2.86 -27.42 29.22
N VAL B 262 2.40 -28.37 30.05
CA VAL B 262 2.32 -28.16 31.49
C VAL B 262 2.89 -29.39 32.20
N PHE B 263 3.83 -29.15 33.11
CA PHE B 263 4.44 -30.21 33.91
C PHE B 263 3.56 -30.49 35.12
N SER B 264 3.63 -31.74 35.62
CA SER B 264 2.89 -32.16 36.80
C SER B 264 3.62 -31.66 38.06
N PRO B 265 2.95 -31.62 39.24
CA PRO B 265 3.60 -31.20 40.48
C PRO B 265 4.44 -32.28 41.17
N HIS B 266 4.57 -33.45 40.54
CA HIS B 266 5.37 -34.54 41.06
C HIS B 266 6.84 -34.13 41.18
N SER B 267 7.59 -34.85 42.00
CA SER B 267 9.03 -34.68 42.12
C SER B 267 9.71 -35.08 40.82
N VAL B 268 9.30 -36.25 40.29
CA VAL B 268 9.65 -36.67 38.94
C VAL B 268 8.49 -36.31 38.02
N PRO B 269 8.52 -35.14 37.36
CA PRO B 269 7.33 -34.61 36.68
C PRO B 269 6.92 -35.33 35.40
N PHE B 270 5.60 -35.37 35.16
CA PHE B 270 5.03 -35.81 33.90
C PHE B 270 4.61 -34.59 33.10
N LEU B 271 4.83 -34.62 31.78
CA LEU B 271 4.51 -33.50 30.92
C LEU B 271 3.20 -33.77 30.19
N ALA B 272 2.22 -32.88 30.39
CA ALA B 272 0.96 -32.92 29.69
C ALA B 272 1.04 -32.04 28.45
N SER B 273 0.70 -32.61 27.28
CA SER B 273 0.76 -31.89 26.01
C SER B 273 -0.63 -31.82 25.40
N LEU B 274 -1.02 -30.61 24.95
CA LEU B 274 -2.30 -30.36 24.31
C LEU B 274 -2.04 -29.82 22.91
N SER B 275 -3.04 -29.97 22.02
CA SER B 275 -2.84 -29.68 20.61
C SER B 275 -4.16 -29.32 19.93
N GLU B 276 -4.07 -28.96 18.65
CA GLU B 276 -5.22 -28.63 17.83
C GLU B 276 -5.78 -29.88 17.14
N ASP B 277 -5.15 -31.05 17.40
CA ASP B 277 -5.65 -32.31 16.89
C ASP B 277 -6.70 -32.90 17.83
N CYS B 278 -7.07 -32.13 18.86
CA CYS B 278 -8.16 -32.48 19.77
C CYS B 278 -7.79 -33.73 20.58
N SER B 279 -6.57 -33.72 21.14
CA SER B 279 -6.11 -34.82 21.97
C SER B 279 -5.22 -34.29 23.09
N LEU B 280 -5.08 -35.11 24.15
CA LEU B 280 -4.17 -34.85 25.25
C LEU B 280 -3.24 -36.06 25.36
N ALA B 281 -1.96 -35.79 25.66
CA ALA B 281 -0.98 -36.84 25.88
C ALA B 281 -0.12 -36.50 27.09
N VAL B 282 0.05 -37.48 27.99
CA VAL B 282 0.91 -37.34 29.14
C VAL B 282 2.17 -38.17 28.88
N LEU B 283 3.33 -37.51 28.99
CA LEU B 283 4.61 -38.12 28.61
C LEU B 283 5.50 -38.20 29.85
N ASP B 284 6.48 -39.11 29.79
CA ASP B 284 7.43 -39.28 30.88
C ASP B 284 8.60 -38.31 30.68
N SER B 285 9.73 -38.59 31.31
CA SER B 285 10.90 -37.73 31.24
C SER B 285 11.60 -37.86 29.88
N SER B 286 11.49 -39.05 29.26
CA SER B 286 12.11 -39.32 27.97
C SER B 286 11.11 -39.13 26.83
N LEU B 287 9.98 -38.45 27.11
CA LEU B 287 8.98 -38.08 26.12
C LEU B 287 8.32 -39.32 25.52
N SER B 288 8.27 -40.41 26.29
CA SER B 288 7.53 -41.59 25.88
C SER B 288 6.07 -41.47 26.35
N GLU B 289 5.14 -41.93 25.50
CA GLU B 289 3.72 -41.71 25.72
C GLU B 289 3.21 -42.67 26.81
N LEU B 290 2.63 -42.10 27.86
CA LEU B 290 2.05 -42.86 28.95
C LEU B 290 0.53 -42.91 28.79
N PHE B 291 -0.08 -41.72 28.71
CA PHE B 291 -1.53 -41.59 28.64
C PHE B 291 -1.93 -41.01 27.27
N ARG B 292 -3.17 -41.28 26.87
CA ARG B 292 -3.76 -40.69 25.68
C ARG B 292 -5.23 -40.42 25.95
N SER B 293 -5.73 -39.27 25.48
CA SER B 293 -7.12 -38.89 25.67
C SER B 293 -7.65 -38.15 24.44
N GLN B 294 -8.63 -38.76 23.77
CA GLN B 294 -9.34 -38.13 22.67
C GLN B 294 -10.73 -37.72 23.14
N ALA B 295 -10.79 -37.08 24.31
CA ALA B 295 -12.04 -36.74 24.97
C ALA B 295 -12.68 -35.53 24.30
N HIS B 296 -11.85 -34.53 23.97
CA HIS B 296 -12.34 -33.28 23.37
C HIS B 296 -12.73 -33.51 21.91
N ARG B 297 -13.69 -32.70 21.44
CA ARG B 297 -14.11 -32.71 20.06
C ARG B 297 -13.60 -31.47 19.33
N ASP B 298 -13.10 -30.48 20.08
CA ASP B 298 -12.55 -29.25 19.50
C ASP B 298 -11.14 -29.06 20.04
N PHE B 299 -10.55 -27.88 19.82
CA PHE B 299 -9.17 -27.61 20.17
C PHE B 299 -9.01 -27.65 21.70
N VAL B 300 -7.95 -28.34 22.15
CA VAL B 300 -7.59 -28.41 23.56
C VAL B 300 -6.71 -27.20 23.87
N ARG B 301 -7.16 -26.35 24.80
CA ARG B 301 -6.57 -25.03 24.97
C ARG B 301 -5.67 -24.96 26.20
N ASP B 302 -5.99 -25.71 27.27
CA ASP B 302 -5.20 -25.61 28.49
C ASP B 302 -5.24 -26.93 29.27
N ALA B 303 -4.29 -27.06 30.21
CA ALA B 303 -4.22 -28.17 31.14
C ALA B 303 -3.75 -27.64 32.49
N THR B 304 -4.30 -28.20 33.57
CA THR B 304 -3.92 -27.81 34.92
C THR B 304 -4.04 -29.02 35.85
N TRP B 305 -2.91 -29.37 36.48
CA TRP B 305 -2.85 -30.49 37.41
C TRP B 305 -3.45 -30.06 38.75
N SER B 306 -4.27 -30.95 39.34
CA SER B 306 -4.85 -30.72 40.64
C SER B 306 -3.75 -30.74 41.71
N PRO B 307 -3.64 -29.69 42.56
CA PRO B 307 -2.61 -29.64 43.59
C PRO B 307 -2.89 -30.61 44.74
N LEU B 308 -4.17 -30.90 44.97
CA LEU B 308 -4.60 -31.84 45.98
C LEU B 308 -4.27 -33.26 45.54
N ASN B 309 -4.80 -33.66 44.38
CA ASN B 309 -4.58 -34.98 43.81
C ASN B 309 -3.70 -34.84 42.58
N HIS B 310 -2.44 -35.29 42.69
CA HIS B 310 -1.43 -35.06 41.67
C HIS B 310 -1.70 -35.90 40.41
N SER B 311 -2.55 -36.92 40.53
CA SER B 311 -2.85 -37.81 39.41
C SER B 311 -4.03 -37.27 38.57
N LEU B 312 -4.70 -36.22 39.06
CA LEU B 312 -5.82 -35.62 38.33
C LEU B 312 -5.33 -34.45 37.50
N LEU B 313 -5.87 -34.35 36.27
CA LEU B 313 -5.50 -33.32 35.31
C LEU B 313 -6.77 -32.82 34.63
N THR B 314 -6.98 -31.49 34.66
CA THR B 314 -8.17 -30.87 34.12
C THR B 314 -7.82 -30.18 32.80
N THR B 315 -8.54 -30.54 31.73
CA THR B 315 -8.37 -29.91 30.42
C THR B 315 -9.63 -29.13 30.07
N VAL B 316 -9.46 -28.06 29.28
CA VAL B 316 -10.57 -27.29 28.75
C VAL B 316 -10.35 -27.09 27.25
N GLY B 317 -11.44 -26.97 26.51
CA GLY B 317 -11.38 -26.83 25.06
C GLY B 317 -12.49 -25.95 24.52
N TRP B 318 -12.49 -25.74 23.20
CA TRP B 318 -13.48 -24.89 22.54
C TRP B 318 -14.81 -25.61 22.39
N ASP B 319 -14.83 -26.92 22.66
CA ASP B 319 -16.06 -27.69 22.66
C ASP B 319 -16.86 -27.44 23.94
N HIS B 320 -16.31 -26.62 24.84
CA HIS B 320 -16.98 -26.18 26.05
C HIS B 320 -17.02 -27.32 27.08
N GLN B 321 -16.05 -28.24 26.98
CA GLN B 321 -15.92 -29.32 27.95
C GLN B 321 -14.85 -28.93 28.98
N VAL B 322 -15.05 -29.40 30.22
CA VAL B 322 -14.06 -29.30 31.27
C VAL B 322 -13.81 -30.72 31.79
N VAL B 323 -12.90 -31.45 31.14
CA VAL B 323 -12.72 -32.87 31.39
C VAL B 323 -11.65 -33.05 32.46
N HIS B 324 -11.90 -34.01 33.38
CA HIS B 324 -10.98 -34.33 34.45
C HIS B 324 -10.43 -35.74 34.22
N HIS B 325 -9.11 -35.84 34.00
CA HIS B 325 -8.47 -37.06 33.57
C HIS B 325 -7.75 -37.73 34.76
N VAL B 326 -7.91 -39.06 34.87
CA VAL B 326 -7.19 -39.85 35.85
C VAL B 326 -5.92 -40.36 35.17
N VAL B 327 -4.78 -39.76 35.54
CA VAL B 327 -3.49 -40.08 34.94
C VAL B 327 -2.86 -41.22 35.74
N PRO B 328 -2.54 -42.38 35.11
CA PRO B 328 -1.95 -43.50 35.83
C PRO B 328 -0.53 -43.22 36.31
N THR B 329 -0.38 -43.00 37.62
CA THR B 329 0.90 -42.69 38.24
C THR B 329 1.11 -43.60 39.42
#